data_5EU7
#
_entry.id   5EU7
#
_cell.length_a   82.489
_cell.length_b   87.650
_cell.length_c   96.339
_cell.angle_alpha   90.00
_cell.angle_beta   95.83
_cell.angle_gamma   90.00
#
_symmetry.space_group_name_H-M   'P 1 21 1'
#
loop_
_entity.id
_entity.type
_entity.pdbx_description
1 polymer Integrase
2 polymer 'FAB Heavy Chain'
3 polymer 'FAB light chain'
4 water water
#
loop_
_entity_poly.entity_id
_entity_poly.type
_entity_poly.pdbx_seq_one_letter_code
_entity_poly.pdbx_strand_id
1 'polypeptide(L)'
;SPGIWQLDCTHLEGKVILVAVHVASGYIEAEVIPAETGQETAYFLLKLAGRWPVKTIHTDNGSNFTSTTVKAACDWAGIK
QEFGIPYNPQSQGVVESMNKELKKIIGQVRDQAEHLKTAVQMAVFIHNKKRKGGIGGYSAGERIVDIIATDIQ
;
A,B
2 'polypeptide(L)'
;EVQLVESGGGLVQPGGSLRLSCAASGFNLYSYSMHWVRQAPGKGLEWVAYIYPYSGSTSYADSVKGRFTISADTSKNTAY
LQMNSLRAEDTAVYYCARESSYFYDGSYSYYDYEGAMDYWGQGTLVTVSSASTKGPSVFPLAPSSKSTSGGTAALGCLVK
DYFPEPVTVSWNSGALTSGVHTFPAVLQSSGLYSLSSVVTVPSSSLGTQTYICNVNHKPSNTKVDKKVEPKSC
;
E,F
3 'polypeptide(L)'
;DIQMTQSPSSLSASVGDRVTITCRASQSVSSAVAWYQQKPGKAPKLLIYSASSLYSGVPSRFSGSRSGTDFTLTISSLQP
EDFATYYCQQSSYSPLTFGQGTKVEIKRTVAAPSVFIFPPSDEQLKSGTASVVCLLNNFYPREAKVQWKVDNALQSGNSQ
ESVTEQDSKDSTYSLSSTLTLSKADYEKHKVYACEVTHQGLSSPVTKSFNRGEC
;
D,C
#
# COMPACT_ATOMS: atom_id res chain seq x y z
N SER A 1 7.47 -15.04 -3.19
CA SER A 1 6.15 -15.03 -3.88
C SER A 1 5.21 -14.00 -3.23
N PRO A 2 4.66 -13.06 -4.03
CA PRO A 2 3.97 -11.82 -3.60
C PRO A 2 2.69 -11.93 -2.76
N GLY A 3 2.02 -13.08 -2.80
CA GLY A 3 0.78 -13.21 -2.06
C GLY A 3 0.87 -13.96 -0.73
N ILE A 4 2.08 -14.28 -0.26
CA ILE A 4 2.30 -15.12 0.94
C ILE A 4 2.64 -14.33 2.19
N TRP A 5 1.86 -14.59 3.23
CA TRP A 5 2.03 -13.97 4.54
C TRP A 5 2.09 -15.01 5.64
N GLN A 6 2.94 -14.78 6.64
CA GLN A 6 2.93 -15.56 7.86
C GLN A 6 2.22 -14.77 8.94
N LEU A 7 1.31 -15.41 9.64
CA LEU A 7 0.50 -14.79 10.66
C LEU A 7 0.84 -15.48 11.98
N ASP A 8 0.86 -14.74 13.06
CA ASP A 8 1.43 -15.23 14.29
C ASP A 8 1.03 -14.33 15.46
N CYS A 9 1.03 -14.91 16.63
CA CYS A 9 0.42 -14.31 17.79
C CYS A 9 1.45 -14.14 18.89
N THR A 10 1.45 -13.02 19.60
CA THR A 10 2.48 -12.81 20.63
C THR A 10 1.99 -11.87 21.73
N HIS A 11 2.72 -11.81 22.87
CA HIS A 11 2.25 -11.09 24.09
C HIS A 11 3.26 -10.12 24.64
N LEU A 12 2.73 -9.05 25.21
CA LEU A 12 3.55 -8.02 25.84
C LEU A 12 2.67 -7.29 26.84
N GLU A 13 3.23 -6.98 28.01
CA GLU A 13 2.46 -6.26 29.04
C GLU A 13 1.12 -6.98 29.30
N GLY A 14 1.11 -8.31 29.22
CA GLY A 14 -0.13 -9.08 29.41
C GLY A 14 -1.19 -8.94 28.33
N LYS A 15 -0.89 -8.25 27.24
CA LYS A 15 -1.85 -8.03 26.16
C LYS A 15 -1.45 -8.96 25.04
N VAL A 16 -2.37 -9.13 24.10
CA VAL A 16 -2.14 -9.96 22.94
C VAL A 16 -1.96 -9.13 21.67
N ILE A 17 -0.98 -9.54 20.86
CA ILE A 17 -0.66 -8.86 19.61
C ILE A 17 -0.62 -9.83 18.44
N LEU A 18 -1.43 -9.54 17.44
CA LEU A 18 -1.48 -10.31 16.20
C LEU A 18 -0.53 -9.65 15.24
N VAL A 19 0.33 -10.45 14.66
CA VAL A 19 1.35 -9.95 13.76
C VAL A 19 1.29 -10.71 12.45
N ALA A 20 1.22 -10.00 11.34
CA ALA A 20 1.28 -10.63 10.03
C ALA A 20 2.48 -10.08 9.26
N VAL A 21 3.31 -11.00 8.78
CA VAL A 21 4.53 -10.65 8.09
C VAL A 21 4.40 -11.02 6.63
N HIS A 22 4.69 -10.07 5.76
CA HIS A 22 4.77 -10.36 4.35
C HIS A 22 6.15 -10.88 4.06
N VAL A 23 6.23 -12.12 3.66
CA VAL A 23 7.51 -12.82 3.68
C VAL A 23 8.51 -12.28 2.67
N ALA A 24 8.08 -11.94 1.48
CA ALA A 24 9.06 -11.42 0.50
C ALA A 24 9.63 -10.08 0.86
N SER A 25 8.85 -9.25 1.55
CA SER A 25 9.29 -7.86 1.80
C SER A 25 9.70 -7.61 3.22
N GLY A 26 9.19 -8.37 4.17
CA GLY A 26 9.40 -8.05 5.58
C GLY A 26 8.42 -6.98 6.11
N TYR A 27 7.49 -6.52 5.29
CA TYR A 27 6.46 -5.61 5.71
C TYR A 27 5.60 -6.25 6.75
N ILE A 28 5.20 -5.47 7.74
CA ILE A 28 4.46 -5.98 8.88
C ILE A 28 3.14 -5.25 9.06
N GLU A 29 2.14 -6.01 9.49
CA GLU A 29 0.96 -5.44 10.11
C GLU A 29 0.71 -6.11 11.43
N ALA A 30 0.33 -5.31 12.41
CA ALA A 30 0.09 -5.81 13.74
C ALA A 30 -0.92 -4.98 14.44
N GLU A 31 -1.59 -5.63 15.38
CA GLU A 31 -2.52 -4.98 16.22
C GLU A 31 -2.65 -5.73 17.52
N VAL A 32 -2.82 -4.93 18.58
CA VAL A 32 -3.30 -5.42 19.83
C VAL A 32 -4.75 -5.85 19.63
N ILE A 33 -5.05 -7.06 20.08
CA ILE A 33 -6.41 -7.56 20.09
C ILE A 33 -6.85 -7.93 21.51
N PRO A 34 -8.17 -7.83 21.77
CA PRO A 34 -8.71 -8.05 23.15
C PRO A 34 -8.63 -9.50 23.70
N ALA A 35 -8.66 -10.50 22.83
CA ALA A 35 -8.42 -11.88 23.27
C ALA A 35 -7.89 -12.72 22.11
N GLU A 36 -7.25 -13.85 22.44
CA GLU A 36 -6.60 -14.71 21.44
C GLU A 36 -7.58 -15.65 20.69
N THR A 37 -8.70 -15.12 20.20
CA THR A 37 -9.79 -15.91 19.57
C THR A 37 -9.71 -15.98 18.04
N GLY A 38 -10.29 -17.03 17.47
CA GLY A 38 -10.41 -17.18 16.02
C GLY A 38 -11.22 -16.06 15.37
N GLN A 39 -12.19 -15.55 16.09
CA GLN A 39 -12.99 -14.43 15.67
C GLN A 39 -12.15 -13.16 15.47
N GLU A 40 -11.17 -12.99 16.33
CA GLU A 40 -10.33 -11.82 16.26
C GLU A 40 -9.34 -11.99 15.15
N THR A 41 -8.93 -13.23 14.95
CA THR A 41 -8.06 -13.56 13.83
C THR A 41 -8.79 -13.37 12.49
N ALA A 42 -10.05 -13.74 12.46
CA ALA A 42 -10.86 -13.63 11.24
C ALA A 42 -11.02 -12.18 10.81
N TYR A 43 -11.40 -11.33 11.76
CA TYR A 43 -11.57 -9.93 11.52
C TYR A 43 -10.27 -9.30 11.01
N PHE A 44 -9.19 -9.67 11.67
CA PHE A 44 -7.86 -9.17 11.35
C PHE A 44 -7.49 -9.54 9.93
N LEU A 45 -7.80 -10.78 9.54
CA LEU A 45 -7.51 -11.26 8.17
C LEU A 45 -8.31 -10.58 7.06
N LEU A 46 -9.60 -10.37 7.32
CA LEU A 46 -10.43 -9.62 6.42
C LEU A 46 -9.84 -8.25 6.17
N LYS A 47 -9.46 -7.58 7.24
CA LYS A 47 -8.84 -6.29 7.07
C LYS A 47 -7.59 -6.40 6.21
N LEU A 48 -6.73 -7.37 6.50
CA LEU A 48 -5.48 -7.48 5.78
C LEU A 48 -5.75 -7.78 4.30
N ALA A 49 -6.70 -8.68 4.05
CA ALA A 49 -6.94 -9.17 2.72
C ALA A 49 -7.62 -8.14 1.84
N GLY A 50 -8.27 -7.17 2.47
CA GLY A 50 -8.93 -6.10 1.75
C GLY A 50 -7.97 -5.01 1.35
N ARG A 51 -6.80 -5.00 1.98
CA ARG A 51 -5.81 -3.95 1.78
C ARG A 51 -4.72 -4.36 0.85
N TRP A 52 -4.29 -5.63 0.93
CA TRP A 52 -3.24 -6.20 0.09
C TRP A 52 -3.77 -7.45 -0.53
N PRO A 53 -3.20 -7.88 -1.65
CA PRO A 53 -3.49 -9.25 -2.12
C PRO A 53 -2.91 -10.35 -1.21
N VAL A 54 -3.79 -11.07 -0.52
CA VAL A 54 -3.43 -12.19 0.35
C VAL A 54 -3.92 -13.47 -0.32
N LYS A 55 -3.01 -14.39 -0.64
CA LYS A 55 -3.36 -15.67 -1.29
C LYS A 55 -3.22 -16.84 -0.36
N THR A 56 -2.13 -16.86 0.37
CA THR A 56 -1.82 -17.96 1.26
C THR A 56 -1.37 -17.37 2.59
N ILE A 57 -1.78 -17.97 3.69
CA ILE A 57 -1.22 -17.61 4.98
C ILE A 57 -0.65 -18.85 5.64
N HIS A 58 0.54 -18.73 6.22
CA HIS A 58 1.13 -19.75 7.09
C HIS A 58 0.85 -19.41 8.55
N THR A 59 0.41 -20.38 9.33
CA THR A 59 0.24 -20.22 10.77
C THR A 59 0.64 -21.53 11.48
N ASP A 60 0.44 -21.56 12.80
CA ASP A 60 0.60 -22.80 13.55
C ASP A 60 -0.78 -23.40 13.84
N ASN A 61 -0.85 -24.40 14.73
CA ASN A 61 -2.10 -25.17 14.95
C ASN A 61 -2.90 -24.72 16.16
N GLY A 62 -2.64 -23.53 16.67
CA GLY A 62 -3.43 -22.98 17.77
C GLY A 62 -4.88 -22.98 17.34
N SER A 63 -5.80 -23.12 18.28
CA SER A 63 -7.25 -23.13 17.96
C SER A 63 -7.75 -21.77 17.38
N ASN A 64 -7.00 -20.69 17.64
CA ASN A 64 -7.30 -19.41 17.05
C ASN A 64 -6.88 -19.27 15.58
N PHE A 65 -6.47 -20.38 14.96
CA PHE A 65 -6.19 -20.43 13.54
C PHE A 65 -6.95 -21.53 12.77
N THR A 66 -7.48 -22.54 13.47
CA THR A 66 -8.09 -23.72 12.83
C THR A 66 -9.61 -23.77 12.95
N SER A 67 -10.17 -22.87 13.75
CA SER A 67 -11.62 -22.75 13.91
C SER A 67 -12.38 -22.59 12.58
N THR A 68 -13.68 -22.75 12.67
CA THR A 68 -14.59 -22.51 11.56
C THR A 68 -14.58 -21.05 11.17
N THR A 69 -14.52 -20.18 12.18
CA THR A 69 -14.70 -18.78 11.96
C THR A 69 -13.55 -18.24 11.10
N VAL A 70 -12.35 -18.76 11.32
CA VAL A 70 -11.21 -18.45 10.48
C VAL A 70 -11.31 -19.09 9.10
N LYS A 71 -11.68 -20.36 9.07
CA LYS A 71 -11.81 -21.08 7.82
C LYS A 71 -12.90 -20.46 6.90
N ALA A 72 -13.95 -19.93 7.52
CA ALA A 72 -15.01 -19.24 6.80
C ALA A 72 -14.50 -17.92 6.17
N ALA A 73 -13.64 -17.22 6.90
CA ALA A 73 -13.11 -15.97 6.42
C ALA A 73 -12.17 -16.23 5.26
N CYS A 74 -11.32 -17.25 5.41
CA CYS A 74 -10.43 -17.65 4.32
C CYS A 74 -11.19 -18.10 3.05
N ASP A 75 -12.28 -18.81 3.24
CA ASP A 75 -13.05 -19.28 2.10
C ASP A 75 -13.71 -18.13 1.42
N TRP A 76 -14.25 -17.22 2.22
CA TRP A 76 -14.86 -16.02 1.69
C TRP A 76 -13.86 -15.15 0.92
N ALA A 77 -12.66 -14.98 1.46
CA ALA A 77 -11.69 -14.04 0.90
C ALA A 77 -10.83 -14.68 -0.12
N GLY A 78 -10.92 -16.00 -0.24
CA GLY A 78 -10.12 -16.74 -1.22
C GLY A 78 -8.71 -16.96 -0.77
N ILE A 79 -8.54 -17.26 0.51
CA ILE A 79 -7.21 -17.45 1.10
C ILE A 79 -6.96 -18.91 1.44
N LYS A 80 -5.85 -19.42 0.94
CA LYS A 80 -5.42 -20.76 1.24
C LYS A 80 -4.67 -20.74 2.58
N GLN A 81 -4.97 -21.71 3.46
CA GLN A 81 -4.20 -21.90 4.70
C GLN A 81 -3.11 -23.00 4.69
N GLU A 82 -1.94 -22.70 5.24
CA GLU A 82 -0.89 -23.69 5.47
C GLU A 82 -0.55 -23.69 6.94
N PHE A 83 -0.43 -24.88 7.53
CA PHE A 83 0.00 -25.03 8.92
C PHE A 83 1.41 -25.60 8.95
N GLY A 84 2.39 -24.84 9.47
CA GLY A 84 3.79 -25.30 9.50
C GLY A 84 4.47 -25.37 8.14
N VAL A 95 11.25 -16.87 10.14
CA VAL A 95 10.90 -15.44 10.16
C VAL A 95 10.48 -14.90 11.52
N GLU A 96 10.74 -15.69 12.60
CA GLU A 96 10.72 -15.24 13.99
C GLU A 96 11.61 -13.96 14.16
N SER A 97 12.38 -13.64 13.11
CA SER A 97 13.23 -12.47 13.02
C SER A 97 12.51 -11.09 13.07
N MET A 98 11.49 -10.92 12.24
CA MET A 98 10.68 -9.69 12.19
C MET A 98 9.89 -9.50 13.49
N ASN A 99 9.50 -10.58 14.14
CA ASN A 99 8.85 -10.46 15.46
C ASN A 99 9.73 -9.90 16.57
N LYS A 100 10.99 -10.33 16.59
CA LYS A 100 11.97 -9.77 17.50
C LYS A 100 12.29 -8.34 17.16
N GLU A 101 12.49 -8.02 15.89
CA GLU A 101 12.67 -6.62 15.51
C GLU A 101 11.53 -5.74 15.99
N LEU A 102 10.31 -6.22 15.87
CA LEU A 102 9.17 -5.43 16.28
C LEU A 102 9.19 -5.17 17.79
N LYS A 103 9.41 -6.19 18.58
CA LYS A 103 9.47 -6.01 20.04
C LYS A 103 10.54 -5.02 20.47
N LYS A 104 11.69 -5.07 19.81
CA LYS A 104 12.71 -4.08 20.08
C LYS A 104 12.22 -2.70 19.77
N ILE A 105 11.56 -2.54 18.62
CA ILE A 105 11.07 -1.22 18.23
C ILE A 105 10.04 -0.74 19.25
N ILE A 106 9.12 -1.60 19.60
CA ILE A 106 8.08 -1.27 20.55
C ILE A 106 8.66 -0.78 21.86
N GLY A 107 9.65 -1.53 22.36
CA GLY A 107 10.33 -1.17 23.60
C GLY A 107 10.91 0.22 23.51
N GLN A 108 11.66 0.48 22.43
CA GLN A 108 12.28 1.79 22.27
C GLN A 108 11.29 2.97 22.21
N VAL A 109 10.17 2.87 21.47
CA VAL A 109 9.20 4.01 21.41
C VAL A 109 8.21 4.04 22.58
N ARG A 110 8.18 2.99 23.38
CA ARG A 110 7.12 2.80 24.33
C ARG A 110 6.75 4.03 25.19
N ASP A 111 7.74 4.82 25.57
CA ASP A 111 7.51 5.99 26.42
C ASP A 111 6.89 7.16 25.69
N GLN A 112 6.67 7.04 24.38
CA GLN A 112 6.18 8.17 23.59
C GLN A 112 4.67 8.04 23.47
N ALA A 113 4.12 7.03 24.17
CA ALA A 113 2.71 6.73 24.08
C ALA A 113 2.21 6.15 25.40
N GLU A 114 0.99 6.56 25.74
CA GLU A 114 0.34 6.11 26.95
C GLU A 114 -0.04 4.65 26.90
N HIS A 115 -0.84 4.21 25.91
CA HIS A 115 -1.19 2.79 25.86
C HIS A 115 -0.37 2.01 24.85
N LEU A 116 -0.18 0.73 25.19
CA LEU A 116 0.46 -0.24 24.34
C LEU A 116 -0.11 -0.28 22.92
N LYS A 117 -1.43 -0.23 22.79
CA LYS A 117 -2.04 -0.27 21.45
C LYS A 117 -1.50 0.85 20.55
N THR A 118 -1.40 2.07 21.04
CA THR A 118 -0.77 3.12 20.26
C THR A 118 0.70 2.84 19.99
N ALA A 119 1.40 2.34 21.01
CA ALA A 119 2.84 2.10 20.89
C ALA A 119 3.09 1.11 19.77
N VAL A 120 2.26 0.09 19.70
CA VAL A 120 2.40 -0.94 18.68
C VAL A 120 2.25 -0.36 17.27
N GLN A 121 1.30 0.55 17.08
CA GLN A 121 1.11 1.19 15.77
C GLN A 121 2.24 2.15 15.43
N MET A 122 2.82 2.77 16.45
CA MET A 122 4.02 3.59 16.20
C MET A 122 5.18 2.69 15.80
N ALA A 123 5.25 1.53 16.42
CA ALA A 123 6.30 0.55 16.09
C ALA A 123 6.17 0.00 14.66
N VAL A 124 4.95 -0.26 14.23
CA VAL A 124 4.68 -0.76 12.91
C VAL A 124 5.06 0.32 11.88
N PHE A 125 4.65 1.57 12.12
CA PHE A 125 5.03 2.69 11.28
C PHE A 125 6.54 2.74 11.12
N ILE A 126 7.25 2.63 12.22
CA ILE A 126 8.71 2.69 12.18
C ILE A 126 9.32 1.49 11.42
N HIS A 127 8.89 0.30 11.78
CA HIS A 127 9.38 -0.89 11.13
C HIS A 127 9.20 -0.80 9.64
N ASN A 128 8.02 -0.35 9.19
CA ASN A 128 7.80 -0.30 7.75
C ASN A 128 8.51 0.85 7.03
N LYS A 129 8.80 1.95 7.74
CA LYS A 129 9.49 3.09 7.11
C LYS A 129 11.00 2.99 7.24
N LYS A 130 11.52 2.16 8.15
CA LYS A 130 12.97 2.24 8.47
C LYS A 130 13.86 1.71 7.33
N ARG A 131 15.06 2.28 7.20
CA ARG A 131 16.02 1.86 6.18
C ARG A 131 17.23 1.14 6.72
N LYS A 132 17.54 0.03 6.09
CA LYS A 132 18.81 -0.65 6.25
C LYS A 132 19.73 -0.25 5.09
N GLY A 133 21.03 -0.27 5.31
CA GLY A 133 22.00 -0.03 4.23
C GLY A 133 22.14 1.43 3.83
N GLY A 134 21.90 2.32 4.78
CA GLY A 134 22.18 3.74 4.59
C GLY A 134 21.09 4.59 3.97
N ILE A 135 21.51 5.77 3.57
CA ILE A 135 20.64 6.73 2.88
C ILE A 135 19.96 6.13 1.61
N GLY A 136 20.65 5.27 0.87
CA GLY A 136 20.08 4.63 -0.32
C GLY A 136 19.26 3.37 -0.12
N GLY A 137 19.12 2.92 1.13
CA GLY A 137 18.50 1.61 1.41
C GLY A 137 17.00 1.65 1.23
N TYR A 138 16.40 0.48 1.13
CA TYR A 138 14.95 0.39 0.92
C TYR A 138 14.21 -0.03 2.18
N SER A 139 12.98 0.47 2.34
CA SER A 139 12.13 0.13 3.46
C SER A 139 11.17 -0.97 3.07
N ALA A 140 10.74 -1.74 4.04
CA ALA A 140 9.77 -2.80 3.85
C ALA A 140 8.52 -2.29 3.11
N GLY A 141 8.13 -1.08 3.45
CA GLY A 141 6.98 -0.47 2.82
C GLY A 141 7.16 -0.18 1.35
N GLU A 142 8.34 0.27 0.99
CA GLU A 142 8.68 0.43 -0.42
C GLU A 142 8.87 -0.92 -1.10
N ARG A 143 9.40 -1.92 -0.43
CA ARG A 143 9.63 -3.20 -1.10
C ARG A 143 8.31 -3.86 -1.44
N ILE A 144 7.34 -3.81 -0.53
CA ILE A 144 6.10 -4.52 -0.78
C ILE A 144 5.31 -3.91 -1.93
N VAL A 145 5.20 -2.59 -2.02
CA VAL A 145 4.43 -2.02 -3.12
C VAL A 145 5.16 -2.25 -4.42
N ASP A 146 6.47 -2.38 -4.38
CA ASP A 146 7.21 -2.72 -5.58
C ASP A 146 6.93 -4.15 -6.02
N ILE A 147 6.98 -5.08 -5.11
CA ILE A 147 6.78 -6.47 -5.44
C ILE A 147 5.40 -6.70 -6.00
N ILE A 148 4.41 -6.16 -5.33
CA ILE A 148 3.04 -6.25 -5.79
C ILE A 148 2.84 -5.49 -7.09
N ALA A 149 3.47 -4.33 -7.29
CA ALA A 149 3.26 -3.55 -8.52
C ALA A 149 3.79 -4.31 -9.72
N THR A 150 4.92 -4.97 -9.57
CA THR A 150 5.49 -5.73 -10.68
C THR A 150 4.89 -7.17 -10.82
N ASP A 151 4.02 -7.59 -9.92
CA ASP A 151 3.23 -8.81 -10.16
C ASP A 151 2.04 -8.58 -11.12
N ILE A 152 1.40 -7.42 -11.05
CA ILE A 152 0.41 -7.00 -12.07
C ILE A 152 1.09 -6.79 -13.45
N GLN A 153 2.39 -6.44 -13.42
CA GLN A 153 3.11 -6.05 -14.59
C GLN A 153 4.62 -5.83 -14.51
N SER B 1 -1.85 13.42 -6.83
CA SER B 1 -0.62 13.42 -5.99
C SER B 1 -0.67 12.27 -4.95
N PRO B 2 0.36 11.41 -4.93
CA PRO B 2 0.36 10.08 -4.27
C PRO B 2 0.20 10.02 -2.75
N GLY B 3 0.41 11.13 -2.05
CA GLY B 3 0.26 11.14 -0.61
C GLY B 3 -1.01 11.74 -0.01
N ILE B 4 -2.01 12.10 -0.84
CA ILE B 4 -3.18 12.84 -0.39
C ILE B 4 -4.41 11.98 -0.17
N TRP B 5 -4.98 12.10 1.03
CA TRP B 5 -6.15 11.35 1.47
C TRP B 5 -7.20 12.24 2.02
N GLN B 6 -8.47 11.94 1.75
CA GLN B 6 -9.56 12.57 2.50
C GLN B 6 -10.09 11.63 3.54
N LEU B 7 -10.29 12.15 4.73
CA LEU B 7 -10.77 11.39 5.85
C LEU B 7 -12.12 11.97 6.25
N ASP B 8 -13.01 11.11 6.68
CA ASP B 8 -14.38 11.52 6.85
C ASP B 8 -15.14 10.50 7.69
N CYS B 9 -16.19 10.99 8.33
CA CYS B 9 -16.86 10.24 9.37
C CYS B 9 -18.30 10.04 9.01
N THR B 10 -18.85 8.86 9.23
CA THR B 10 -20.20 8.61 8.79
C THR B 10 -20.84 7.52 9.67
N HIS B 11 -22.15 7.38 9.60
CA HIS B 11 -22.92 6.50 10.50
C HIS B 11 -23.91 5.63 9.75
N LEU B 12 -24.08 4.42 10.32
CA LEU B 12 -24.96 3.41 9.80
C LEU B 12 -25.37 2.53 10.95
N GLU B 13 -26.65 2.15 11.00
CA GLU B 13 -27.15 1.27 12.06
C GLU B 13 -26.75 1.83 13.45
N GLY B 14 -26.73 3.17 13.56
CA GLY B 14 -26.34 3.83 14.82
C GLY B 14 -24.90 3.61 15.26
N LYS B 15 -24.06 3.04 14.39
CA LYS B 15 -22.64 2.89 14.67
C LYS B 15 -21.91 3.97 13.91
N VAL B 16 -20.65 4.18 14.28
CA VAL B 16 -19.77 5.18 13.62
C VAL B 16 -18.67 4.54 12.76
N ILE B 17 -18.50 5.07 11.55
CA ILE B 17 -17.54 4.55 10.61
C ILE B 17 -16.62 5.65 10.12
N LEU B 18 -15.33 5.42 10.31
CA LEU B 18 -14.31 6.30 9.80
C LEU B 18 -13.91 5.80 8.44
N VAL B 19 -13.87 6.71 7.47
CA VAL B 19 -13.54 6.37 6.10
C VAL B 19 -12.42 7.22 5.61
N ALA B 20 -11.40 6.60 5.04
CA ALA B 20 -10.34 7.35 4.40
C ALA B 20 -10.24 6.99 2.93
N VAL B 21 -10.30 7.98 2.08
CA VAL B 21 -10.21 7.77 0.65
C VAL B 21 -8.88 8.29 0.12
N HIS B 22 -8.17 7.46 -0.64
CA HIS B 22 -7.00 7.91 -1.35
C HIS B 22 -7.46 8.54 -2.66
N VAL B 23 -7.23 9.83 -2.79
CA VAL B 23 -7.87 10.59 -3.84
C VAL B 23 -7.44 10.21 -5.25
N ALA B 24 -6.18 10.02 -5.49
CA ALA B 24 -5.78 9.68 -6.82
C ALA B 24 -6.33 8.33 -7.28
N SER B 25 -6.51 7.37 -6.36
CA SER B 25 -6.82 6.01 -6.78
C SER B 25 -8.25 5.60 -6.51
N GLY B 26 -8.87 6.21 -5.50
CA GLY B 26 -10.16 5.76 -5.04
C GLY B 26 -10.09 4.61 -4.06
N TYR B 27 -8.89 4.17 -3.71
CA TYR B 27 -8.72 3.13 -2.68
C TYR B 27 -9.26 3.62 -1.37
N ILE B 28 -9.90 2.75 -0.62
CA ILE B 28 -10.54 3.11 0.61
C ILE B 28 -10.01 2.30 1.77
N GLU B 29 -9.92 2.96 2.92
CA GLU B 29 -9.84 2.26 4.20
C GLU B 29 -10.97 2.77 5.10
N ALA B 30 -11.59 1.84 5.82
CA ALA B 30 -12.62 2.19 6.74
C ALA B 30 -12.67 1.24 7.88
N GLU B 31 -13.23 1.74 8.96
CA GLU B 31 -13.46 0.92 10.13
C GLU B 31 -14.57 1.51 10.96
N VAL B 32 -15.36 0.60 11.51
CA VAL B 32 -16.26 0.92 12.57
C VAL B 32 -15.44 1.25 13.83
N ILE B 33 -15.75 2.39 14.45
CA ILE B 33 -15.12 2.81 15.68
C ILE B 33 -16.16 2.99 16.80
N PRO B 34 -15.74 2.80 18.05
CA PRO B 34 -16.68 2.86 19.21
C PRO B 34 -17.28 4.25 19.54
N ALA B 35 -16.55 5.32 19.30
CA ALA B 35 -17.14 6.64 19.47
C ALA B 35 -16.45 7.66 18.56
N GLU B 36 -17.13 8.77 18.30
CA GLU B 36 -16.65 9.77 17.36
C GLU B 36 -15.61 10.72 17.97
N THR B 37 -14.60 10.16 18.61
CA THR B 37 -13.56 10.93 19.33
C THR B 37 -12.25 11.19 18.52
N GLY B 38 -11.56 12.27 18.84
CA GLY B 38 -10.26 12.59 18.25
C GLY B 38 -9.22 11.50 18.50
N GLN B 39 -9.35 10.85 19.66
CA GLN B 39 -8.52 9.73 20.05
C GLN B 39 -8.66 8.55 19.08
N GLU B 40 -9.88 8.34 18.62
CA GLU B 40 -10.14 7.25 17.72
C GLU B 40 -9.63 7.59 16.35
N THR B 41 -9.73 8.87 16.03
CA THR B 41 -9.22 9.35 14.78
C THR B 41 -7.70 9.27 14.72
N ALA B 42 -7.09 9.59 15.84
CA ALA B 42 -5.65 9.56 15.96
C ALA B 42 -5.12 8.16 15.73
N TYR B 43 -5.71 7.19 16.44
CA TYR B 43 -5.31 5.80 16.35
C TYR B 43 -5.46 5.29 14.89
N PHE B 44 -6.58 5.66 14.29
CA PHE B 44 -6.90 5.28 12.94
C PHE B 44 -5.87 5.81 11.95
N LEU B 45 -5.48 7.07 12.13
CA LEU B 45 -4.47 7.70 11.30
C LEU B 45 -3.08 7.10 11.42
N LEU B 46 -2.66 6.79 12.65
CA LEU B 46 -1.41 6.11 12.86
C LEU B 46 -1.37 4.82 12.12
N LYS B 47 -2.44 4.05 12.21
CA LYS B 47 -2.52 2.82 11.45
C LYS B 47 -2.40 3.07 9.95
N LEU B 48 -3.16 4.04 9.44
CA LEU B 48 -3.12 4.29 8.03
C LEU B 48 -1.72 4.73 7.61
N ALA B 49 -1.11 5.59 8.39
CA ALA B 49 0.13 6.26 7.99
C ALA B 49 1.28 5.31 8.07
N GLY B 50 1.10 4.21 8.82
CA GLY B 50 2.09 3.16 8.93
C GLY B 50 2.04 2.18 7.77
N ARG B 51 0.93 2.14 7.06
CA ARG B 51 0.71 1.21 5.96
C ARG B 51 0.97 1.86 4.60
N TRP B 52 0.59 3.11 4.44
CA TRP B 52 0.77 3.84 3.19
C TRP B 52 1.48 5.12 3.48
N PRO B 53 2.13 5.71 2.49
CA PRO B 53 2.64 7.08 2.66
C PRO B 53 1.48 8.10 2.69
N VAL B 54 1.24 8.67 3.87
CA VAL B 54 0.24 9.71 4.10
C VAL B 54 0.92 11.04 4.35
N LYS B 55 0.71 12.04 3.49
CA LYS B 55 1.41 13.34 3.58
C LYS B 55 0.46 14.43 3.99
N THR B 56 -0.71 14.45 3.38
CA THR B 56 -1.71 15.44 3.68
C THR B 56 -3.03 14.74 3.87
N ILE B 57 -3.84 15.18 4.82
CA ILE B 57 -5.20 14.68 4.93
C ILE B 57 -6.13 15.85 4.90
N HIS B 58 -7.20 15.73 4.11
CA HIS B 58 -8.31 16.69 4.12
C HIS B 58 -9.44 16.20 5.01
N THR B 59 -9.97 17.08 5.88
CA THR B 59 -11.11 16.77 6.72
C THR B 59 -11.98 18.01 6.86
N ASP B 60 -13.06 17.88 7.63
CA ASP B 60 -13.86 19.05 8.00
C ASP B 60 -13.50 19.50 9.43
N ASN B 61 -14.31 20.39 10.02
CA ASN B 61 -13.96 21.05 11.29
C ASN B 61 -14.60 20.40 12.51
N GLY B 62 -15.08 19.16 12.37
CA GLY B 62 -15.62 18.43 13.51
C GLY B 62 -14.57 18.38 14.58
N SER B 63 -14.99 18.35 15.84
CA SER B 63 -14.03 18.34 16.97
C SER B 63 -13.17 17.06 17.01
N ASN B 64 -13.65 16.00 16.38
CA ASN B 64 -12.85 14.80 16.26
C ASN B 64 -11.76 14.87 15.17
N PHE B 65 -11.53 16.05 14.61
CA PHE B 65 -10.43 16.27 13.68
C PHE B 65 -9.48 17.41 14.09
N THR B 66 -9.92 18.28 15.01
CA THR B 66 -9.14 19.49 15.37
C THR B 66 -8.48 19.42 16.76
N SER B 67 -8.84 18.42 17.56
CA SER B 67 -8.24 18.22 18.86
C SER B 67 -6.70 18.16 18.88
N THR B 68 -6.16 18.22 20.08
CA THR B 68 -4.74 18.06 20.33
C THR B 68 -4.29 16.66 19.99
N THR B 69 -5.13 15.70 20.33
CA THR B 69 -4.75 14.32 20.20
C THR B 69 -4.51 13.93 18.72
N VAL B 70 -5.31 14.48 17.82
CA VAL B 70 -5.11 14.34 16.38
C VAL B 70 -3.91 15.13 15.90
N LYS B 71 -3.79 16.35 16.36
CA LYS B 71 -2.69 17.21 15.93
C LYS B 71 -1.31 16.63 16.36
N ALA B 72 -1.31 15.97 17.51
CA ALA B 72 -0.11 15.33 18.03
C ALA B 72 0.26 14.16 17.15
N ALA B 73 -0.75 13.44 16.66
CA ALA B 73 -0.50 12.26 15.84
C ALA B 73 0.02 12.69 14.46
N CYS B 74 -0.59 13.71 13.90
CA CYS B 74 -0.11 14.29 12.65
C CYS B 74 1.31 14.85 12.75
N ASP B 75 1.65 15.51 13.86
CA ASP B 75 2.98 16.06 14.02
C ASP B 75 3.97 14.94 14.12
N TRP B 76 3.61 13.93 14.88
CA TRP B 76 4.45 12.77 15.01
C TRP B 76 4.68 12.05 13.69
N ALA B 77 3.64 11.91 12.89
CA ALA B 77 3.72 11.08 11.69
C ALA B 77 4.14 11.88 10.52
N GLY B 78 4.15 13.19 10.65
CA GLY B 78 4.61 14.07 9.56
C GLY B 78 3.51 14.28 8.56
N ILE B 79 2.29 14.43 9.07
CA ILE B 79 1.11 14.64 8.23
C ILE B 79 0.63 16.07 8.35
N LYS B 80 0.46 16.71 7.20
CA LYS B 80 -0.12 18.03 7.09
C LYS B 80 -1.65 17.91 7.07
N GLN B 81 -2.34 18.74 7.86
CA GLN B 81 -3.80 18.83 7.83
C GLN B 81 -4.40 19.99 7.02
N GLU B 82 -5.41 19.70 6.23
CA GLU B 82 -6.18 20.73 5.54
C GLU B 82 -7.62 20.60 5.97
N PHE B 83 -8.25 21.73 6.30
CA PHE B 83 -9.69 21.76 6.63
C PHE B 83 -10.46 22.43 5.49
N GLY B 84 -11.32 21.68 4.79
CA GLY B 84 -12.00 22.22 3.59
C GLY B 84 -11.06 22.89 2.60
N VAL B 94 -15.62 13.49 -6.39
CA VAL B 94 -14.95 12.18 -6.55
C VAL B 94 -14.82 11.43 -5.22
N VAL B 95 -14.96 12.17 -4.09
CA VAL B 95 -14.78 11.62 -2.76
C VAL B 95 -16.13 11.31 -2.08
N GLU B 96 -17.00 12.32 -2.04
CA GLU B 96 -18.42 12.10 -1.69
C GLU B 96 -19.00 10.91 -2.47
N SER B 97 -18.52 10.77 -3.68
CA SER B 97 -18.78 9.63 -4.58
C SER B 97 -18.29 8.23 -4.09
N MET B 98 -17.04 8.11 -3.64
CA MET B 98 -16.56 6.87 -3.03
C MET B 98 -17.29 6.51 -1.71
N ASN B 99 -17.72 7.50 -0.93
CA ASN B 99 -18.51 7.19 0.28
C ASN B 99 -19.87 6.57 -0.03
N LYS B 100 -20.53 7.08 -1.06
CA LYS B 100 -21.77 6.50 -1.52
C LYS B 100 -21.54 5.12 -2.11
N GLU B 101 -20.51 4.92 -2.91
CA GLU B 101 -20.21 3.58 -3.38
C GLU B 101 -20.02 2.58 -2.24
N LEU B 102 -19.35 3.01 -1.18
CA LEU B 102 -19.13 2.12 -0.07
C LEU B 102 -20.43 1.75 0.64
N LYS B 103 -21.27 2.72 0.96
CA LYS B 103 -22.56 2.41 1.56
C LYS B 103 -23.40 1.46 0.72
N LYS B 104 -23.41 1.64 -0.60
CA LYS B 104 -24.10 0.72 -1.47
C LYS B 104 -23.53 -0.68 -1.37
N ILE B 105 -22.20 -0.80 -1.34
CA ILE B 105 -21.58 -2.11 -1.23
C ILE B 105 -21.96 -2.75 0.09
N ILE B 106 -21.85 -1.96 1.14
CA ILE B 106 -22.19 -2.42 2.49
C ILE B 106 -23.63 -2.93 2.53
N GLY B 107 -24.56 -2.16 1.97
CA GLY B 107 -25.94 -2.56 1.94
C GLY B 107 -26.10 -3.92 1.26
N GLN B 108 -25.53 -4.06 0.07
CA GLN B 108 -25.64 -5.28 -0.70
C GLN B 108 -25.07 -6.50 0.01
N VAL B 109 -23.91 -6.36 0.64
CA VAL B 109 -23.25 -7.49 1.29
C VAL B 109 -23.65 -7.71 2.76
N ARG B 110 -24.52 -6.86 3.28
CA ARG B 110 -24.83 -6.85 4.71
C ARG B 110 -25.30 -8.16 5.31
N ASP B 111 -26.11 -8.89 4.57
CA ASP B 111 -26.69 -10.12 5.07
C ASP B 111 -25.68 -11.27 5.09
N GLN B 112 -24.43 -11.03 4.63
CA GLN B 112 -23.41 -12.12 4.60
C GLN B 112 -22.53 -12.07 5.85
N ALA B 113 -22.91 -11.21 6.78
CA ALA B 113 -22.18 -11.03 8.02
C ALA B 113 -23.08 -10.63 9.15
N GLU B 114 -22.76 -11.17 10.31
CA GLU B 114 -23.56 -10.90 11.53
C GLU B 114 -23.44 -9.44 12.01
N HIS B 115 -22.22 -8.96 12.30
CA HIS B 115 -22.05 -7.57 12.72
C HIS B 115 -21.67 -6.64 11.60
N LEU B 116 -22.15 -5.41 11.73
CA LEU B 116 -21.75 -4.33 10.85
C LEU B 116 -20.24 -4.20 10.68
N LYS B 117 -19.48 -4.33 11.77
CA LYS B 117 -18.01 -4.20 11.68
C LYS B 117 -17.41 -5.18 10.66
N THR B 118 -17.82 -6.43 10.67
CA THR B 118 -17.40 -7.34 9.63
C THR B 118 -17.89 -6.89 8.23
N ALA B 119 -19.15 -6.46 8.15
CA ALA B 119 -19.76 -6.13 6.87
C ALA B 119 -18.96 -5.00 6.22
N VAL B 120 -18.53 -4.04 7.02
CA VAL B 120 -17.77 -2.95 6.53
C VAL B 120 -16.46 -3.41 5.95
N GLN B 121 -15.77 -4.36 6.60
CA GLN B 121 -14.49 -4.88 6.05
C GLN B 121 -14.67 -5.73 4.80
N MET B 122 -15.81 -6.41 4.72
CA MET B 122 -16.15 -7.12 3.48
C MET B 122 -16.40 -6.11 2.34
N ALA B 123 -17.02 -5.00 2.69
CA ALA B 123 -17.30 -3.95 1.74
C ALA B 123 -16.06 -3.26 1.25
N VAL B 124 -15.11 -3.05 2.14
CA VAL B 124 -13.82 -2.48 1.79
C VAL B 124 -13.06 -3.41 0.85
N PHE B 125 -13.04 -4.70 1.16
CA PHE B 125 -12.38 -5.72 0.32
C PHE B 125 -12.94 -5.64 -1.09
N ILE B 126 -14.26 -5.57 -1.20
CA ILE B 126 -14.94 -5.58 -2.49
C ILE B 126 -14.67 -4.30 -3.22
N HIS B 127 -14.82 -3.19 -2.53
CA HIS B 127 -14.54 -1.91 -3.13
C HIS B 127 -13.14 -1.86 -3.70
N ASN B 128 -12.17 -2.33 -2.94
CA ASN B 128 -10.80 -2.24 -3.44
C ASN B 128 -10.44 -3.27 -4.50
N LYS B 129 -11.10 -4.43 -4.52
CA LYS B 129 -10.80 -5.47 -5.55
C LYS B 129 -11.70 -5.35 -6.80
N LYS B 130 -12.80 -4.61 -6.72
CA LYS B 130 -13.75 -4.63 -7.84
C LYS B 130 -13.17 -3.97 -9.09
N ARG B 131 -13.60 -4.42 -10.25
CA ARG B 131 -13.17 -3.82 -11.52
C ARG B 131 -14.29 -3.06 -12.22
N LYS B 132 -13.92 -1.88 -12.73
CA LYS B 132 -14.74 -1.10 -13.63
C LYS B 132 -14.18 -1.29 -15.03
N GLY B 133 -15.03 -1.17 -16.05
CA GLY B 133 -14.58 -1.29 -17.42
C GLY B 133 -14.21 -2.70 -17.83
N GLY B 134 -14.85 -3.68 -17.21
CA GLY B 134 -14.81 -5.06 -17.68
C GLY B 134 -13.72 -5.93 -17.14
N ILE B 135 -13.57 -7.09 -17.78
CA ILE B 135 -12.50 -8.03 -17.48
C ILE B 135 -11.09 -7.39 -17.60
N GLY B 136 -10.89 -6.44 -18.51
CA GLY B 136 -9.59 -5.73 -18.56
C GLY B 136 -9.35 -4.59 -17.56
N GLY B 137 -10.35 -4.21 -16.76
CA GLY B 137 -10.30 -2.96 -15.98
C GLY B 137 -9.45 -3.02 -14.74
N TYR B 138 -9.11 -1.86 -14.17
CA TYR B 138 -8.23 -1.83 -13.00
C TYR B 138 -9.04 -1.61 -11.73
N SER B 139 -8.54 -2.17 -10.63
CA SER B 139 -9.13 -1.98 -9.32
C SER B 139 -8.40 -0.89 -8.58
N ALA B 140 -9.10 -0.25 -7.65
CA ALA B 140 -8.49 0.77 -6.76
C ALA B 140 -7.19 0.28 -6.08
N GLY B 141 -7.21 -0.99 -5.68
CA GLY B 141 -6.10 -1.61 -5.03
C GLY B 141 -4.90 -1.76 -5.91
N GLU B 142 -5.11 -2.13 -7.17
CA GLU B 142 -4.04 -2.10 -8.15
C GLU B 142 -3.61 -0.67 -8.49
N ARG B 143 -4.53 0.30 -8.55
CA ARG B 143 -4.11 1.65 -8.93
C ARG B 143 -3.20 2.25 -7.87
N ILE B 144 -3.54 2.06 -6.60
CA ILE B 144 -2.78 2.73 -5.55
C ILE B 144 -1.36 2.17 -5.46
N VAL B 145 -1.16 0.85 -5.54
CA VAL B 145 0.18 0.35 -5.45
C VAL B 145 0.95 0.76 -6.67
N ASP B 146 0.28 0.98 -7.78
CA ASP B 146 0.96 1.46 -8.97
C ASP B 146 1.42 2.89 -8.82
N ILE B 147 0.55 3.74 -8.34
CA ILE B 147 0.88 5.13 -8.21
C ILE B 147 2.08 5.29 -7.25
N ILE B 148 1.97 4.61 -6.11
CA ILE B 148 3.00 4.71 -5.10
C ILE B 148 4.27 4.05 -5.58
N ALA B 149 4.17 2.92 -6.29
CA ALA B 149 5.36 2.23 -6.76
C ALA B 149 6.13 3.09 -7.72
N THR B 150 5.46 3.82 -8.60
CA THR B 150 6.19 4.64 -9.56
C THR B 150 6.66 5.99 -9.01
N ASP B 151 6.20 6.37 -7.80
CA ASP B 151 6.79 7.55 -7.14
C ASP B 151 8.21 7.27 -6.52
N ILE B 152 8.40 6.06 -5.97
CA ILE B 152 9.69 5.59 -5.52
C ILE B 152 10.56 5.19 -6.72
N GLN B 153 9.89 4.97 -7.87
CA GLN B 153 10.43 4.59 -9.19
C GLN B 153 10.81 3.09 -9.34
N GLU C 1 21.81 13.43 28.24
CA GLU C 1 23.12 12.78 27.96
C GLU C 1 23.17 11.34 28.50
N VAL C 2 23.44 10.48 27.55
CA VAL C 2 23.45 9.07 27.82
C VAL C 2 24.82 8.73 28.41
N GLN C 3 24.80 7.86 29.40
CA GLN C 3 26.02 7.18 29.82
C GLN C 3 25.88 5.88 30.55
N LEU C 4 26.98 5.17 30.60
CA LEU C 4 27.05 3.88 31.21
C LEU C 4 28.32 3.81 32.03
N VAL C 5 28.19 3.34 33.26
CA VAL C 5 29.28 3.28 34.15
C VAL C 5 29.32 1.91 34.75
N GLU C 6 30.32 1.15 34.37
CA GLU C 6 30.42 -0.17 34.88
C GLU C 6 31.27 -0.18 36.14
N SER C 7 31.08 -1.22 36.95
CA SER C 7 31.78 -1.36 38.22
C SER C 7 31.67 -2.78 38.72
N GLY C 8 32.41 -3.04 39.78
CA GLY C 8 32.44 -4.37 40.38
C GLY C 8 33.63 -5.25 39.96
N GLY C 9 34.50 -4.75 39.10
CA GLY C 9 35.63 -5.55 38.67
C GLY C 9 36.73 -5.52 39.72
N GLY C 10 37.63 -6.48 39.63
CA GLY C 10 38.76 -6.54 40.53
C GLY C 10 39.49 -7.87 40.40
N LEU C 11 40.24 -8.18 41.44
CA LEU C 11 41.07 -9.37 41.47
C LEU C 11 40.31 -10.51 42.13
N VAL C 12 40.40 -11.70 41.57
CA VAL C 12 39.65 -12.79 42.07
C VAL C 12 40.33 -14.08 41.68
N GLN C 13 40.23 -15.09 42.52
CA GLN C 13 40.93 -16.35 42.30
C GLN C 13 40.18 -17.30 41.40
N PRO C 14 40.89 -18.18 40.69
CA PRO C 14 40.12 -19.14 39.92
C PRO C 14 39.14 -19.91 40.80
N GLY C 15 38.00 -20.24 40.21
CA GLY C 15 36.90 -20.83 40.93
C GLY C 15 36.07 -19.82 41.68
N GLY C 16 36.58 -18.58 41.81
CA GLY C 16 35.88 -17.50 42.52
C GLY C 16 34.75 -16.92 41.69
N SER C 17 34.14 -15.86 42.23
CA SER C 17 33.00 -15.25 41.60
C SER C 17 33.03 -13.74 41.73
N LEU C 18 32.34 -13.05 40.81
CA LEU C 18 32.17 -11.62 40.89
C LEU C 18 30.88 -11.19 40.30
N ARG C 19 30.43 -10.00 40.67
CA ARG C 19 29.28 -9.41 40.01
C ARG C 19 29.51 -7.99 39.51
N LEU C 20 29.41 -7.85 38.20
CA LEU C 20 29.61 -6.57 37.56
C LEU C 20 28.29 -5.89 37.51
N SER C 21 28.27 -4.56 37.62
CA SER C 21 27.08 -3.78 37.40
C SER C 21 27.31 -2.76 36.30
N CYS C 22 26.23 -2.33 35.67
CA CYS C 22 26.32 -1.31 34.68
C CYS C 22 25.19 -0.36 34.95
N ALA C 23 25.52 0.81 35.48
CA ALA C 23 24.51 1.79 35.79
C ALA C 23 24.29 2.74 34.65
N ALA C 24 23.06 2.85 34.21
CA ALA C 24 22.74 3.70 33.08
C ALA C 24 22.18 5.03 33.54
N SER C 25 22.40 6.06 32.77
CA SER C 25 21.61 7.29 32.93
C SER C 25 21.44 8.03 31.61
N GLY C 26 20.40 8.87 31.56
CA GLY C 26 19.96 9.60 30.35
C GLY C 26 18.95 8.82 29.48
N PHE C 27 18.56 7.63 29.93
CA PHE C 27 17.69 6.76 29.14
C PHE C 27 17.22 5.62 30.00
N ASN C 28 16.18 4.94 29.57
CA ASN C 28 15.55 3.92 30.38
C ASN C 28 16.02 2.55 29.87
N LEU C 29 16.78 1.87 30.70
CA LEU C 29 17.46 0.65 30.32
C LEU C 29 16.51 -0.53 30.05
N TYR C 30 15.39 -0.54 30.75
CA TYR C 30 14.27 -1.46 30.49
C TYR C 30 13.91 -1.51 29.00
N SER C 31 13.96 -0.36 28.34
CA SER C 31 13.53 -0.22 26.97
C SER C 31 14.52 -0.68 25.89
N TYR C 32 15.71 -1.14 26.25
CA TYR C 32 16.76 -1.38 25.28
C TYR C 32 17.41 -2.71 25.52
N SER C 33 18.12 -3.21 24.51
CA SER C 33 18.89 -4.41 24.65
C SER C 33 20.27 -3.99 25.14
N MET C 34 20.76 -4.62 26.20
CA MET C 34 22.05 -4.29 26.77
C MET C 34 22.95 -5.47 26.66
N HIS C 35 24.19 -5.22 26.29
CA HIS C 35 25.19 -6.26 26.07
C HIS C 35 26.37 -6.13 26.98
N TRP C 36 26.99 -7.25 27.32
CA TRP C 36 28.35 -7.22 27.83
C TRP C 36 29.31 -7.71 26.75
N VAL C 37 30.42 -7.03 26.57
CA VAL C 37 31.40 -7.37 25.58
C VAL C 37 32.70 -7.24 26.28
N ARG C 38 33.63 -8.17 26.08
CA ARG C 38 34.89 -8.09 26.79
C ARG C 38 36.11 -8.13 25.88
N GLN C 39 37.22 -7.73 26.44
CA GLN C 39 38.47 -7.66 25.71
C GLN C 39 39.60 -8.16 26.59
N ALA C 40 40.12 -9.35 26.27
CA ALA C 40 41.29 -9.87 27.01
C ALA C 40 42.47 -8.92 26.80
N PRO C 41 43.42 -8.86 27.75
CA PRO C 41 44.53 -7.88 27.55
C PRO C 41 45.27 -8.13 26.27
N GLY C 42 45.44 -7.06 25.49
CA GLY C 42 46.03 -7.10 24.15
C GLY C 42 45.34 -7.94 23.08
N LYS C 43 44.07 -8.28 23.28
CA LYS C 43 43.29 -9.03 22.28
C LYS C 43 42.17 -8.19 21.73
N GLY C 44 41.36 -8.77 20.86
CA GLY C 44 40.18 -8.10 20.32
C GLY C 44 38.95 -8.20 21.23
N LEU C 45 37.78 -8.09 20.65
CA LEU C 45 36.57 -7.90 21.42
C LEU C 45 35.76 -9.18 21.26
N GLU C 46 35.16 -9.64 22.34
CA GLU C 46 34.37 -10.86 22.31
C GLU C 46 33.05 -10.61 23.01
N TRP C 47 31.95 -10.91 22.32
CA TRP C 47 30.62 -10.72 22.86
C TRP C 47 30.39 -11.75 23.94
N VAL C 48 29.82 -11.30 25.04
CA VAL C 48 29.56 -12.16 26.17
C VAL C 48 28.09 -12.50 26.37
N ALA C 49 27.21 -11.49 26.47
CA ALA C 49 25.80 -11.77 26.73
C ALA C 49 24.92 -10.59 26.45
N TYR C 50 23.63 -10.81 26.41
CA TYR C 50 22.69 -9.71 26.33
C TYR C 50 21.39 -10.00 27.02
N ILE C 51 20.71 -8.90 27.31
CA ILE C 51 19.41 -8.94 27.88
C ILE C 51 18.57 -7.80 27.33
N TYR C 52 17.30 -8.09 27.09
CA TYR C 52 16.34 -7.11 26.70
C TYR C 52 15.25 -7.23 27.75
N PRO C 53 15.33 -6.40 28.79
CA PRO C 53 14.42 -6.59 29.92
C PRO C 53 12.94 -6.49 29.56
N TYR C 54 12.59 -5.56 28.69
CA TYR C 54 11.19 -5.38 28.28
C TYR C 54 10.55 -6.68 27.90
N SER C 55 11.26 -7.49 27.12
CA SER C 55 10.70 -8.77 26.64
C SER C 55 11.21 -9.95 27.42
N GLY C 56 12.25 -9.73 28.22
CA GLY C 56 12.70 -10.77 29.09
C GLY C 56 13.66 -11.71 28.44
N SER C 57 14.02 -11.51 27.19
CA SER C 57 14.95 -12.45 26.57
C SER C 57 16.42 -12.17 26.91
N THR C 58 17.21 -13.23 26.91
CA THR C 58 18.61 -13.16 27.27
C THR C 58 19.33 -14.11 26.40
N SER C 59 20.65 -14.08 26.42
CA SER C 59 21.44 -14.86 25.46
C SER C 59 22.87 -14.80 25.91
N TYR C 60 23.62 -15.88 25.61
CA TYR C 60 24.98 -16.04 26.10
C TYR C 60 25.93 -16.65 25.06
N ALA C 61 27.19 -16.21 25.12
CA ALA C 61 28.21 -16.88 24.36
C ALA C 61 28.39 -18.30 24.93
N ASP C 62 28.72 -19.24 24.05
CA ASP C 62 28.99 -20.63 24.42
C ASP C 62 30.05 -20.75 25.52
N SER C 63 31.15 -20.01 25.40
CA SER C 63 32.21 -20.05 26.45
C SER C 63 31.80 -19.55 27.84
N VAL C 64 30.57 -19.08 28.01
CA VAL C 64 30.14 -18.65 29.34
C VAL C 64 28.87 -19.31 29.82
N LYS C 65 28.25 -20.10 28.95
CA LYS C 65 27.03 -20.80 29.31
C LYS C 65 27.24 -21.57 30.56
N GLY C 66 26.27 -21.48 31.45
CA GLY C 66 26.31 -22.23 32.70
C GLY C 66 27.03 -21.50 33.81
N ARG C 67 27.98 -20.65 33.47
CA ARG C 67 28.72 -19.90 34.47
C ARG C 67 28.21 -18.48 34.70
N PHE C 68 27.68 -17.83 33.67
CA PHE C 68 27.33 -16.40 33.78
C PHE C 68 25.83 -16.16 33.71
N THR C 69 25.38 -15.16 34.45
CA THR C 69 23.97 -14.82 34.49
C THR C 69 23.82 -13.31 34.32
N ILE C 70 23.15 -12.91 33.25
CA ILE C 70 22.84 -11.52 33.04
C ILE C 70 21.45 -11.18 33.57
N SER C 71 21.27 -9.97 34.07
CA SER C 71 20.01 -9.59 34.67
C SER C 71 19.96 -8.09 34.78
N ALA C 72 18.80 -7.58 35.22
CA ALA C 72 18.61 -6.14 35.36
C ALA C 72 17.70 -5.83 36.51
N ASP C 73 17.92 -4.66 37.11
CA ASP C 73 17.02 -4.11 38.13
C ASP C 73 16.60 -2.77 37.59
N THR C 74 15.33 -2.65 37.27
CA THR C 74 14.85 -1.48 36.57
C THR C 74 14.69 -0.30 37.56
N SER C 75 14.44 -0.62 38.82
CA SER C 75 14.27 0.39 39.86
C SER C 75 15.57 1.17 40.00
N LYS C 76 16.68 0.53 39.65
CA LYS C 76 18.00 1.17 39.69
C LYS C 76 18.61 1.48 38.32
N ASN C 77 17.91 1.12 37.24
CA ASN C 77 18.39 1.41 35.90
C ASN C 77 19.79 0.84 35.68
N THR C 78 19.92 -0.41 36.08
CA THR C 78 21.19 -1.06 36.15
C THR C 78 21.06 -2.49 35.63
N ALA C 79 22.12 -2.95 34.98
CA ALA C 79 22.21 -4.31 34.46
C ALA C 79 23.35 -4.93 35.17
N TYR C 80 23.36 -6.26 35.27
CA TYR C 80 24.37 -6.98 36.08
C TYR C 80 24.88 -8.19 35.30
N LEU C 81 26.12 -8.55 35.50
CA LEU C 81 26.62 -9.78 34.97
C LEU C 81 27.20 -10.50 36.13
N GLN C 82 26.55 -11.60 36.52
CA GLN C 82 27.03 -12.45 37.61
C GLN C 82 27.96 -13.46 37.00
N MET C 83 29.17 -13.53 37.51
CA MET C 83 30.19 -14.38 36.93
C MET C 83 30.70 -15.36 37.97
N ASN C 84 30.36 -16.63 37.75
CA ASN C 84 30.70 -17.73 38.65
C ASN C 84 31.69 -18.67 38.00
N SER C 85 32.42 -19.42 38.83
CA SER C 85 33.37 -20.43 38.34
C SER C 85 34.40 -19.84 37.38
N LEU C 86 35.02 -18.74 37.81
CA LEU C 86 35.89 -17.97 36.95
C LEU C 86 37.18 -18.72 36.65
N ARG C 87 37.61 -18.68 35.39
CA ARG C 87 38.93 -19.15 35.00
C ARG C 87 39.87 -18.00 34.60
N ALA C 88 41.15 -18.31 34.45
CA ALA C 88 42.16 -17.33 34.04
C ALA C 88 41.77 -16.63 32.72
N GLU C 89 41.26 -17.42 31.79
CA GLU C 89 40.86 -16.91 30.45
C GLU C 89 39.64 -15.96 30.45
N ASP C 90 38.89 -15.84 31.55
CA ASP C 90 37.90 -14.77 31.70
C ASP C 90 38.50 -13.40 32.10
N THR C 91 39.80 -13.34 32.38
CA THR C 91 40.48 -12.09 32.56
C THR C 91 40.29 -11.16 31.34
N ALA C 92 39.79 -9.95 31.59
CA ALA C 92 39.42 -9.06 30.49
C ALA C 92 38.88 -7.76 31.00
N VAL C 93 38.86 -6.77 30.12
CA VAL C 93 38.09 -5.57 30.41
C VAL C 93 36.69 -5.88 29.94
N TYR C 94 35.72 -5.61 30.80
CA TYR C 94 34.30 -5.90 30.48
C TYR C 94 33.54 -4.58 30.26
N TYR C 95 32.96 -4.43 29.08
CA TYR C 95 32.17 -3.27 28.73
C TYR C 95 30.68 -3.59 28.68
N CYS C 96 29.81 -2.70 29.15
CA CYS C 96 28.38 -2.83 28.82
C CYS C 96 28.12 -1.84 27.71
N ALA C 97 27.23 -2.22 26.82
CA ALA C 97 26.88 -1.36 25.70
C ALA C 97 25.39 -1.44 25.39
N ARG C 98 24.84 -0.35 24.89
CA ARG C 98 23.45 -0.28 24.52
C ARG C 98 23.31 -0.57 23.07
N GLU C 99 22.30 -1.39 22.75
CA GLU C 99 21.85 -1.60 21.38
C GLU C 99 20.47 -0.94 21.20
N SER C 100 20.42 0.14 20.43
CA SER C 100 19.13 0.71 19.99
C SER C 100 18.61 -0.07 18.83
N SER C 101 17.29 -0.02 18.65
CA SER C 101 16.63 -0.66 17.54
C SER C 101 16.80 0.17 16.31
N TYR C 102 16.52 1.46 16.45
CA TYR C 102 16.55 2.38 15.32
C TYR C 102 17.10 3.75 15.68
N PHE C 103 17.45 4.50 14.67
CA PHE C 103 17.85 5.87 14.84
C PHE C 103 16.89 6.77 14.05
N TYR C 104 16.41 7.80 14.73
CA TYR C 104 15.49 8.73 14.15
C TYR C 104 16.29 9.98 13.79
N ASP C 105 16.21 10.42 12.53
CA ASP C 105 17.06 11.51 12.03
C ASP C 105 16.52 12.89 12.33
N GLY C 106 15.44 12.99 13.05
CA GLY C 106 14.96 14.31 13.39
C GLY C 106 14.32 15.09 12.26
N SER C 107 13.97 14.41 11.16
CA SER C 107 13.01 14.95 10.14
C SER C 107 12.38 13.80 9.31
N TYR C 108 11.58 13.01 10.01
CA TYR C 108 10.74 12.02 9.40
C TYR C 108 11.40 10.76 8.77
N SER C 109 12.65 10.44 9.07
CA SER C 109 13.22 9.15 8.56
C SER C 109 13.86 8.30 9.64
N TYR C 110 13.86 7.00 9.39
CA TYR C 110 14.27 6.07 10.37
C TYR C 110 15.26 5.12 9.78
N TYR C 111 16.30 4.81 10.57
CA TYR C 111 17.33 3.87 10.14
C TYR C 111 17.49 2.75 11.13
N ASP C 112 17.51 1.52 10.63
CA ASP C 112 17.67 0.32 11.44
C ASP C 112 19.14 0.15 11.87
N TYR C 113 19.38 -0.09 13.15
CA TYR C 113 20.76 -0.31 13.65
C TYR C 113 21.26 -1.72 13.44
N GLU C 114 20.34 -2.65 13.24
CA GLU C 114 20.70 -4.03 12.95
C GLU C 114 21.77 -4.54 13.92
N GLY C 115 21.52 -4.35 15.21
CA GLY C 115 22.40 -4.95 16.25
C GLY C 115 23.66 -4.21 16.67
N ALA C 116 23.95 -3.12 16.00
CA ALA C 116 25.03 -2.20 16.37
C ALA C 116 24.80 -1.55 17.77
N MET C 117 25.89 -1.22 18.46
CA MET C 117 25.87 -0.71 19.81
C MET C 117 26.32 0.75 19.82
N ASP C 118 25.37 1.64 20.08
CA ASP C 118 25.61 3.07 20.01
C ASP C 118 26.39 3.69 21.17
N TYR C 119 26.26 3.17 22.39
CA TYR C 119 26.96 3.76 23.56
C TYR C 119 27.56 2.70 24.40
N TRP C 120 28.80 2.93 24.81
CA TRP C 120 29.56 1.98 25.59
C TRP C 120 30.05 2.65 26.84
N GLY C 121 30.21 1.88 27.91
CA GLY C 121 30.82 2.43 29.12
C GLY C 121 32.34 2.41 29.03
N GLN C 122 33.02 2.93 30.03
CA GLN C 122 34.49 2.91 30.02
C GLN C 122 35.12 1.55 30.33
N GLY C 123 34.35 0.60 30.88
CA GLY C 123 34.79 -0.77 31.12
C GLY C 123 35.29 -0.96 32.53
N THR C 124 35.24 -2.17 33.03
CA THR C 124 35.84 -2.49 34.32
C THR C 124 36.74 -3.71 34.16
N LEU C 125 37.89 -3.69 34.83
CA LEU C 125 38.85 -4.79 34.65
C LEU C 125 38.57 -5.92 35.65
N VAL C 126 38.55 -7.13 35.14
CA VAL C 126 38.44 -8.31 35.95
C VAL C 126 39.71 -9.13 35.73
N THR C 127 40.45 -9.31 36.81
CA THR C 127 41.65 -10.12 36.75
C THR C 127 41.41 -11.39 37.56
N VAL C 128 41.58 -12.54 36.89
CA VAL C 128 41.39 -13.83 37.54
C VAL C 128 42.72 -14.53 37.65
N SER C 129 43.22 -14.65 38.89
CA SER C 129 44.56 -15.18 39.12
C SER C 129 44.78 -15.74 40.52
N SER C 130 45.58 -16.79 40.55
CA SER C 130 46.07 -17.37 41.81
C SER C 130 47.09 -16.51 42.44
N ALA C 131 47.76 -15.66 41.65
CA ALA C 131 48.86 -14.84 42.18
C ALA C 131 48.33 -13.97 43.28
N SER C 132 49.23 -13.60 44.18
CA SER C 132 48.91 -12.75 45.31
C SER C 132 49.66 -11.44 45.13
N THR C 133 49.03 -10.37 45.59
CA THR C 133 49.68 -9.09 45.69
C THR C 133 51.08 -9.21 46.19
N LYS C 134 52.00 -8.54 45.52
CA LYS C 134 53.44 -8.52 45.88
C LYS C 134 54.11 -7.33 45.19
N GLY C 135 54.96 -6.65 45.93
CA GLY C 135 55.76 -5.53 45.42
C GLY C 135 56.99 -5.96 44.65
N PRO C 136 57.52 -5.07 43.79
CA PRO C 136 58.62 -5.40 42.88
C PRO C 136 59.98 -5.30 43.51
N SER C 137 60.93 -6.08 43.02
CA SER C 137 62.35 -5.82 43.22
C SER C 137 62.76 -4.97 42.04
N VAL C 138 63.62 -4.01 42.31
CA VAL C 138 64.11 -3.12 41.29
C VAL C 138 65.62 -3.31 41.17
N PHE C 139 66.09 -3.53 39.96
CA PHE C 139 67.51 -3.73 39.68
C PHE C 139 67.99 -2.73 38.64
N PRO C 140 69.21 -2.27 38.78
CA PRO C 140 69.78 -1.40 37.81
C PRO C 140 70.07 -2.08 36.49
N LEU C 141 69.77 -1.37 35.40
CA LEU C 141 70.32 -1.63 34.08
C LEU C 141 71.41 -0.59 33.88
N ALA C 142 72.64 -1.01 34.15
CA ALA C 142 73.78 -0.10 34.22
C ALA C 142 74.42 0.15 32.84
N PRO C 143 74.83 1.41 32.56
CA PRO C 143 75.62 1.68 31.32
C PRO C 143 77.08 1.23 31.42
N SER C 144 77.76 1.05 30.29
CA SER C 144 79.24 1.25 30.26
C SER C 144 79.64 1.85 28.91
N SER C 145 80.94 1.78 28.56
CA SER C 145 81.37 2.12 27.20
C SER C 145 82.30 1.02 26.67
N GLY C 151 77.92 8.77 20.81
CA GLY C 151 77.99 9.57 21.98
C GLY C 151 76.78 9.54 22.91
N THR C 152 76.07 8.41 22.91
CA THR C 152 74.80 8.27 23.64
C THR C 152 74.91 7.03 24.47
N ALA C 153 74.46 7.10 25.70
CA ALA C 153 74.44 5.93 26.57
C ALA C 153 73.05 5.64 27.04
N ALA C 154 72.78 4.38 27.31
CA ALA C 154 71.48 3.95 27.80
C ALA C 154 71.63 3.39 29.20
N LEU C 155 70.61 3.57 30.01
CA LEU C 155 70.58 2.99 31.34
C LEU C 155 69.13 2.85 31.73
N GLY C 156 68.87 2.14 32.81
CA GLY C 156 67.48 1.86 33.16
C GLY C 156 67.29 1.12 34.45
N CYS C 157 66.03 0.83 34.77
CA CYS C 157 65.66 0.06 35.92
C CYS C 157 64.87 -1.12 35.46
N LEU C 158 65.21 -2.28 35.98
CA LEU C 158 64.40 -3.49 35.74
C LEU C 158 63.47 -3.61 36.95
N VAL C 159 62.16 -3.62 36.70
CA VAL C 159 61.15 -3.63 37.75
C VAL C 159 60.47 -4.99 37.76
N LYS C 160 60.97 -5.88 38.60
CA LYS C 160 60.66 -7.31 38.45
C LYS C 160 59.76 -7.93 39.54
N ASP C 161 58.88 -8.82 39.09
CA ASP C 161 58.11 -9.71 39.98
C ASP C 161 57.12 -8.98 40.85
N TYR C 162 56.16 -8.32 40.21
CA TYR C 162 55.14 -7.65 40.96
C TYR C 162 53.76 -8.10 40.51
N PHE C 163 52.79 -7.92 41.41
CA PHE C 163 51.39 -8.21 41.07
C PHE C 163 50.47 -7.47 42.02
N PRO C 164 49.34 -6.99 41.54
CA PRO C 164 48.97 -6.90 40.14
C PRO C 164 49.50 -5.58 39.46
N GLU C 165 49.07 -5.29 38.25
CA GLU C 165 49.27 -3.94 37.69
C GLU C 165 48.49 -2.92 38.51
N PRO C 166 48.91 -1.66 38.54
CA PRO C 166 50.05 -1.13 37.79
C PRO C 166 51.24 -0.75 38.65
N VAL C 167 52.31 -0.34 38.00
CA VAL C 167 53.46 0.24 38.64
C VAL C 167 53.67 1.60 37.94
N THR C 168 54.30 2.50 38.64
CA THR C 168 54.64 3.82 38.15
C THR C 168 56.15 3.98 38.29
N VAL C 169 56.79 4.48 37.24
CA VAL C 169 58.22 4.75 37.23
C VAL C 169 58.46 6.18 36.81
N SER C 170 59.25 6.91 37.59
CA SER C 170 59.71 8.23 37.16
C SER C 170 61.23 8.28 37.30
N TRP C 171 61.86 9.29 36.72
CA TRP C 171 63.29 9.46 36.84
C TRP C 171 63.61 10.84 37.49
N ASN C 172 64.51 10.82 38.48
CA ASN C 172 64.86 11.98 39.28
C ASN C 172 63.66 12.75 39.71
N SER C 173 62.72 12.00 40.28
CA SER C 173 61.48 12.57 40.82
C SER C 173 60.67 13.39 39.82
N GLY C 174 60.75 13.04 38.54
CA GLY C 174 60.02 13.75 37.51
C GLY C 174 60.83 14.79 36.76
N ALA C 175 62.02 15.09 37.23
CA ALA C 175 62.86 16.09 36.59
C ALA C 175 63.34 15.64 35.22
N LEU C 176 63.58 14.34 35.06
CA LEU C 176 64.07 13.76 33.85
C LEU C 176 62.97 13.04 33.12
N THR C 177 62.62 13.51 31.92
CA THR C 177 61.57 12.88 31.10
C THR C 177 61.95 12.66 29.64
N SER C 178 62.79 13.52 29.11
CA SER C 178 63.31 13.36 27.78
C SER C 178 64.12 12.07 27.63
N GLY C 179 63.89 11.32 26.54
CA GLY C 179 64.62 10.07 26.30
C GLY C 179 64.22 8.88 27.16
N VAL C 180 63.17 9.04 27.99
CA VAL C 180 62.68 7.98 28.83
C VAL C 180 61.74 7.10 28.03
N HIS C 181 61.95 5.79 28.05
CA HIS C 181 60.94 4.84 27.60
C HIS C 181 60.69 3.86 28.69
N THR C 182 59.43 3.76 29.08
CA THR C 182 58.97 2.82 30.10
C THR C 182 58.08 1.78 29.43
N PHE C 183 58.52 0.54 29.43
CA PHE C 183 57.88 -0.47 28.59
C PHE C 183 56.62 -1.06 29.21
N PRO C 184 55.66 -1.48 28.35
CA PRO C 184 54.50 -2.23 28.87
C PRO C 184 54.92 -3.49 29.61
N ALA C 185 54.28 -3.73 30.73
CA ALA C 185 54.60 -4.89 31.56
C ALA C 185 54.30 -6.14 30.78
N VAL C 186 55.07 -7.18 31.06
CA VAL C 186 54.84 -8.50 30.50
C VAL C 186 54.52 -9.49 31.64
N LEU C 187 53.53 -10.34 31.40
CA LEU C 187 53.12 -11.31 32.41
C LEU C 187 54.03 -12.49 32.25
N GLN C 188 54.76 -12.84 33.29
CA GLN C 188 55.71 -13.98 33.24
C GLN C 188 54.99 -15.31 33.49
N SER C 189 55.65 -16.40 33.14
CA SER C 189 55.05 -17.72 33.34
C SER C 189 54.80 -18.04 34.81
N SER C 190 55.49 -17.32 35.70
CA SER C 190 55.21 -17.39 37.14
C SER C 190 53.92 -16.70 37.61
N GLY C 191 53.21 -16.02 36.72
CA GLY C 191 52.04 -15.23 37.13
C GLY C 191 52.32 -13.79 37.58
N LEU C 192 53.58 -13.42 37.71
CA LEU C 192 53.94 -12.07 38.14
C LEU C 192 54.39 -11.23 36.95
N TYR C 193 54.21 -9.91 37.08
CA TYR C 193 54.58 -8.98 36.02
C TYR C 193 56.02 -8.48 36.16
N SER C 194 56.55 -8.03 35.03
CA SER C 194 57.88 -7.45 34.98
C SER C 194 57.94 -6.40 33.86
N LEU C 195 58.68 -5.32 34.07
CA LEU C 195 58.91 -4.33 33.04
C LEU C 195 60.25 -3.68 33.23
N SER C 196 60.64 -2.93 32.22
CA SER C 196 61.84 -2.10 32.29
C SER C 196 61.50 -0.69 31.92
N SER C 197 62.20 0.24 32.54
CA SER C 197 62.19 1.62 32.12
C SER C 197 63.61 2.03 31.83
N VAL C 198 63.75 2.83 30.82
CA VAL C 198 65.06 3.05 30.26
C VAL C 198 65.17 4.51 29.86
N VAL C 199 66.38 5.03 29.77
CA VAL C 199 66.57 6.38 29.27
C VAL C 199 67.92 6.50 28.55
N THR C 200 67.95 7.23 27.46
CA THR C 200 69.22 7.46 26.78
C THR C 200 69.66 8.88 27.10
N VAL C 201 70.95 9.03 27.34
CA VAL C 201 71.53 10.30 27.74
C VAL C 201 72.86 10.42 27.05
N PRO C 202 73.43 11.64 26.99
CA PRO C 202 74.82 11.81 26.53
C PRO C 202 75.88 11.00 27.36
N SER C 203 76.85 10.42 26.68
CA SER C 203 77.97 9.75 27.36
C SER C 203 78.69 10.67 28.33
N SER C 204 78.92 11.92 27.92
CA SER C 204 79.68 12.89 28.73
C SER C 204 79.04 13.19 30.08
N SER C 205 77.73 13.04 30.16
CA SER C 205 77.03 13.29 31.41
C SER C 205 77.11 12.14 32.46
N LEU C 206 77.64 10.97 32.09
CA LEU C 206 77.83 9.86 33.06
C LEU C 206 78.96 10.22 33.96
N GLY C 207 78.86 9.83 35.22
CA GLY C 207 79.90 10.17 36.17
C GLY C 207 79.85 11.61 36.61
N THR C 208 79.03 12.46 35.97
CA THR C 208 78.83 13.85 36.39
C THR C 208 77.38 14.14 36.80
N GLN C 209 76.45 13.31 36.34
CA GLN C 209 75.02 13.43 36.65
C GLN C 209 74.54 12.17 37.37
N THR C 210 73.56 12.29 38.26
CA THR C 210 72.99 11.09 38.86
C THR C 210 71.58 10.80 38.33
N TYR C 211 71.33 9.52 38.19
CA TYR C 211 70.09 9.02 37.65
C TYR C 211 69.52 8.03 38.66
N ILE C 212 68.30 8.32 39.11
CA ILE C 212 67.57 7.52 40.08
C ILE C 212 66.17 7.30 39.54
N CYS C 213 65.76 6.05 39.50
CA CYS C 213 64.40 5.75 39.15
C CYS C 213 63.55 5.57 40.40
N ASN C 214 62.32 6.05 40.32
CA ASN C 214 61.39 6.10 41.42
C ASN C 214 60.23 5.20 41.09
N VAL C 215 60.12 4.09 41.81
CA VAL C 215 59.18 3.06 41.48
C VAL C 215 58.14 2.97 42.60
N ASN C 216 56.88 2.95 42.19
CA ASN C 216 55.80 2.98 43.08
C ASN C 216 54.79 1.93 42.65
N HIS C 217 54.34 1.10 43.58
CA HIS C 217 53.36 0.04 43.32
C HIS C 217 52.33 0.07 44.45
N LYS C 218 51.25 0.82 44.22
CA LYS C 218 50.30 1.14 45.29
C LYS C 218 49.63 -0.07 45.91
N PRO C 219 49.22 -1.06 45.10
CA PRO C 219 48.61 -2.27 45.67
C PRO C 219 49.35 -2.95 46.83
N SER C 220 50.65 -2.76 46.97
CA SER C 220 51.41 -3.34 48.09
C SER C 220 52.09 -2.27 48.97
N ASN C 221 51.69 -1.03 48.77
CA ASN C 221 52.31 0.12 49.39
C ASN C 221 53.83 0.18 49.35
N THR C 222 54.40 -0.15 48.18
CA THR C 222 55.85 -0.25 47.97
C THR C 222 56.35 0.98 47.23
N LYS C 223 57.50 1.48 47.65
CA LYS C 223 58.13 2.59 47.02
C LYS C 223 59.62 2.43 47.04
N VAL C 224 60.26 2.39 45.88
CA VAL C 224 61.69 2.16 45.81
C VAL C 224 62.36 3.21 44.95
N ASP C 225 63.46 3.75 45.47
CA ASP C 225 64.34 4.62 44.70
C ASP C 225 65.61 3.83 44.43
N LYS C 226 66.03 3.74 43.17
CA LYS C 226 67.28 3.04 42.87
C LYS C 226 68.27 3.91 42.07
N LYS C 227 69.46 4.09 42.61
CA LYS C 227 70.53 4.80 41.91
C LYS C 227 71.08 3.90 40.83
N VAL C 228 71.40 4.47 39.67
CA VAL C 228 71.97 3.70 38.55
C VAL C 228 73.27 4.35 38.10
N GLU C 229 74.39 3.63 38.23
CA GLU C 229 75.70 4.15 37.81
C GLU C 229 76.51 3.10 37.05
N PRO C 230 77.52 3.54 36.28
CA PRO C 230 78.39 2.60 35.53
C PRO C 230 79.04 1.55 36.45
N LYS C 231 79.47 0.40 35.88
CA LYS C 231 80.26 -0.64 36.59
C LYS C 231 81.80 -0.43 36.58
N SER C 232 82.55 -1.47 36.99
CA SER C 232 84.04 -1.52 36.94
C SER C 232 84.70 -2.30 35.74
N CYS C 233 84.27 -3.55 35.46
CA CYS C 233 84.83 -4.39 34.34
C CYS C 233 84.60 -3.79 32.93
N GLU D 1 -34.20 -15.05 -9.63
CA GLU D 1 -35.34 -14.36 -10.25
C GLU D 1 -35.92 -13.49 -9.14
N VAL D 2 -35.82 -12.18 -9.40
CA VAL D 2 -36.48 -11.20 -8.59
C VAL D 2 -37.53 -10.57 -9.48
N GLN D 3 -38.38 -9.76 -8.90
CA GLN D 3 -39.25 -8.95 -9.71
C GLN D 3 -39.84 -7.74 -9.04
N LEU D 4 -40.37 -6.90 -9.90
CA LEU D 4 -40.90 -5.63 -9.51
C LEU D 4 -42.20 -5.41 -10.22
N VAL D 5 -43.21 -5.02 -9.47
CA VAL D 5 -44.51 -4.87 -10.04
C VAL D 5 -45.00 -3.51 -9.62
N GLU D 6 -45.13 -2.63 -10.59
CA GLU D 6 -45.56 -1.33 -10.28
C GLU D 6 -47.07 -1.26 -10.36
N SER D 7 -47.65 -0.24 -9.72
CA SER D 7 -49.08 -0.04 -9.74
C SER D 7 -49.41 1.35 -9.24
N GLY D 8 -50.67 1.73 -9.40
CA GLY D 8 -51.16 3.02 -9.00
C GLY D 8 -51.32 4.02 -10.12
N GLY D 9 -50.99 3.62 -11.35
CA GLY D 9 -51.14 4.55 -12.48
C GLY D 9 -52.58 4.65 -12.93
N GLY D 10 -52.88 5.67 -13.69
CA GLY D 10 -54.18 5.85 -14.27
C GLY D 10 -54.35 7.24 -14.83
N LEU D 11 -55.60 7.62 -14.95
CA LEU D 11 -55.98 8.89 -15.50
C LEU D 11 -56.12 9.89 -14.37
N VAL D 12 -55.67 11.11 -14.59
CA VAL D 12 -55.71 12.14 -13.59
C VAL D 12 -55.64 13.52 -14.23
N GLN D 13 -56.25 14.50 -13.60
CA GLN D 13 -56.37 15.83 -14.21
C GLN D 13 -55.21 16.73 -13.91
N PRO D 14 -54.91 17.68 -14.81
CA PRO D 14 -53.82 18.59 -14.43
C PRO D 14 -54.05 19.24 -13.07
N GLY D 15 -52.94 19.44 -12.35
CA GLY D 15 -52.96 19.87 -10.97
C GLY D 15 -53.16 18.76 -9.99
N GLY D 16 -53.67 17.60 -10.47
CA GLY D 16 -53.98 16.44 -9.60
C GLY D 16 -52.76 15.74 -9.02
N SER D 17 -53.02 14.63 -8.34
CA SER D 17 -52.03 13.83 -7.66
C SER D 17 -52.25 12.35 -7.86
N LEU D 18 -51.16 11.60 -7.78
CA LEU D 18 -51.25 10.13 -7.82
C LEU D 18 -50.09 9.55 -7.06
N ARG D 19 -50.26 8.31 -6.65
CA ARG D 19 -49.21 7.64 -5.92
C ARG D 19 -48.93 6.28 -6.46
N LEU D 20 -47.71 6.15 -7.02
CA LEU D 20 -47.30 4.92 -7.63
C LEU D 20 -46.63 4.12 -6.56
N SER D 21 -46.71 2.81 -6.66
CA SER D 21 -45.97 1.95 -5.79
C SER D 21 -45.21 0.92 -6.61
N CYS D 22 -44.17 0.36 -6.03
CA CYS D 22 -43.38 -0.62 -6.70
C CYS D 22 -43.09 -1.73 -5.69
N ALA D 23 -43.72 -2.88 -5.88
CA ALA D 23 -43.59 -3.95 -4.92
C ALA D 23 -42.53 -4.88 -5.36
N ALA D 24 -41.56 -5.12 -4.50
CA ALA D 24 -40.47 -6.01 -4.83
C ALA D 24 -40.66 -7.38 -4.25
N SER D 25 -40.13 -8.39 -4.96
CA SER D 25 -39.97 -9.72 -4.36
C SER D 25 -38.74 -10.45 -4.90
N GLY D 26 -38.24 -11.40 -4.10
CA GLY D 26 -37.03 -12.15 -4.39
C GLY D 26 -35.75 -11.51 -3.81
N PHE D 27 -35.91 -10.40 -3.11
CA PHE D 27 -34.77 -9.60 -2.67
C PHE D 27 -35.24 -8.54 -1.70
N ASN D 28 -34.30 -8.00 -0.95
CA ASN D 28 -34.66 -7.08 0.09
C ASN D 28 -34.39 -5.62 -0.39
N LEU D 29 -35.46 -4.88 -0.56
CA LEU D 29 -35.42 -3.62 -1.22
C LEU D 29 -34.66 -2.56 -0.45
N TYR D 30 -34.70 -2.71 0.86
CA TYR D 30 -33.92 -1.93 1.81
C TYR D 30 -32.44 -1.89 1.41
N SER D 31 -31.93 -3.03 0.94
CA SER D 31 -30.52 -3.19 0.64
C SER D 31 -29.98 -2.59 -0.69
N TYR D 32 -30.85 -2.01 -1.49
CA TYR D 32 -30.49 -1.60 -2.82
C TYR D 32 -30.95 -0.17 -3.12
N SER D 33 -30.39 0.43 -4.16
CA SER D 33 -30.89 1.70 -4.64
C SER D 33 -31.99 1.42 -5.65
N MET D 34 -33.12 2.09 -5.51
CA MET D 34 -34.26 1.92 -6.40
C MET D 34 -34.55 3.19 -7.15
N HIS D 35 -34.84 3.08 -8.44
CA HIS D 35 -35.05 4.22 -9.28
C HIS D 35 -36.43 4.22 -9.89
N TRP D 36 -36.98 5.39 -10.16
CA TRP D 36 -38.09 5.51 -11.10
C TRP D 36 -37.55 6.12 -12.40
N VAL D 37 -37.94 5.57 -13.52
CA VAL D 37 -37.52 6.04 -14.81
C VAL D 37 -38.77 6.05 -15.62
N ARG D 38 -38.99 7.08 -16.43
CA ARG D 38 -40.23 7.13 -17.22
C ARG D 38 -40.00 7.34 -18.71
N GLN D 39 -41.02 7.05 -19.47
CA GLN D 39 -40.96 7.12 -20.90
C GLN D 39 -42.24 7.74 -21.42
N ALA D 40 -42.16 8.98 -21.90
CA ALA D 40 -43.31 9.62 -22.55
C ALA D 40 -43.71 8.84 -23.81
N PRO D 41 -44.99 8.87 -24.20
CA PRO D 41 -45.35 8.06 -25.36
C PRO D 41 -44.51 8.44 -26.58
N GLY D 42 -43.92 7.43 -27.22
CA GLY D 42 -43.02 7.60 -28.38
C GLY D 42 -41.72 8.35 -28.15
N LYS D 43 -41.30 8.50 -26.90
CA LYS D 43 -40.06 9.20 -26.59
C LYS D 43 -39.11 8.21 -25.96
N GLY D 44 -37.96 8.71 -25.55
CA GLY D 44 -36.97 7.89 -24.87
C GLY D 44 -37.22 7.76 -23.37
N LEU D 45 -36.15 7.54 -22.63
CA LEU D 45 -36.26 7.18 -21.23
C LEU D 45 -35.70 8.34 -20.48
N GLU D 46 -36.36 8.74 -19.40
CA GLU D 46 -35.91 9.85 -18.59
C GLU D 46 -35.89 9.40 -17.13
N TRP D 47 -34.75 9.60 -16.48
CA TRP D 47 -34.59 9.28 -15.07
C TRP D 47 -35.40 10.26 -14.25
N VAL D 48 -36.13 9.76 -13.28
CA VAL D 48 -36.99 10.58 -12.42
C VAL D 48 -36.48 10.76 -11.00
N ALA D 49 -36.24 9.66 -10.29
CA ALA D 49 -35.76 9.80 -8.90
C ALA D 49 -35.10 8.51 -8.40
N TYR D 50 -34.43 8.60 -7.27
CA TYR D 50 -33.96 7.39 -6.59
C TYR D 50 -33.94 7.51 -5.11
N ILE D 51 -33.93 6.33 -4.50
CA ILE D 51 -33.82 6.20 -3.09
C ILE D 51 -32.97 4.99 -2.77
N TYR D 52 -32.14 5.13 -1.76
CA TYR D 52 -31.38 4.03 -1.21
C TYR D 52 -31.78 3.96 0.27
N PRO D 53 -32.74 3.10 0.60
CA PRO D 53 -33.30 3.17 1.96
C PRO D 53 -32.29 2.93 3.05
N TYR D 54 -31.37 2.00 2.85
CA TYR D 54 -30.37 1.64 3.87
C TYR D 54 -29.66 2.85 4.42
N SER D 55 -29.31 3.79 3.56
CA SER D 55 -28.64 5.01 3.96
C SER D 55 -29.57 6.21 4.00
N GLY D 56 -30.76 6.08 3.43
CA GLY D 56 -31.75 7.12 3.50
C GLY D 56 -31.60 8.19 2.45
N SER D 57 -30.63 8.09 1.57
CA SER D 57 -30.44 9.17 0.61
C SER D 57 -31.42 9.08 -0.56
N THR D 58 -31.75 10.23 -1.13
CA THR D 58 -32.73 10.31 -2.20
C THR D 58 -32.27 11.37 -3.14
N SER D 59 -32.92 11.49 -4.29
CA SER D 59 -32.43 12.38 -5.35
C SER D 59 -33.51 12.48 -6.41
N TYR D 60 -33.58 13.63 -7.08
CA TYR D 60 -34.66 13.94 -8.03
C TYR D 60 -34.19 14.63 -9.28
N ALA D 61 -34.83 14.33 -10.40
CA ALA D 61 -34.56 15.08 -11.61
C ALA D 61 -35.10 16.49 -11.37
N ASP D 62 -34.42 17.47 -11.98
CA ASP D 62 -34.79 18.88 -11.83
C ASP D 62 -36.23 19.13 -12.25
N SER D 63 -36.67 18.57 -13.36
CA SER D 63 -38.08 18.72 -13.79
C SER D 63 -39.17 18.13 -12.86
N VAL D 64 -38.81 17.52 -11.73
CA VAL D 64 -39.83 17.04 -10.79
C VAL D 64 -39.62 17.52 -9.38
N LYS D 65 -38.52 18.21 -9.19
CA LYS D 65 -38.15 18.66 -7.86
C LYS D 65 -39.27 19.52 -7.33
N GLY D 66 -39.63 19.28 -6.08
CA GLY D 66 -40.72 20.03 -5.43
C GLY D 66 -42.07 19.42 -5.61
N ARG D 67 -42.30 18.74 -6.72
CA ARG D 67 -43.60 18.09 -6.95
C ARG D 67 -43.64 16.64 -6.52
N PHE D 68 -42.51 15.92 -6.60
CA PHE D 68 -42.53 14.46 -6.40
C PHE D 68 -41.79 14.07 -5.13
N THR D 69 -42.24 12.99 -4.50
CA THR D 69 -41.62 12.50 -3.29
C THR D 69 -41.45 10.98 -3.38
N ILE D 70 -40.20 10.54 -3.31
CA ILE D 70 -39.91 9.10 -3.30
C ILE D 70 -39.74 8.61 -1.88
N SER D 71 -40.11 7.36 -1.63
CA SER D 71 -40.06 6.83 -0.29
C SER D 71 -40.17 5.32 -0.35
N ALA D 72 -39.99 4.67 0.80
CA ALA D 72 -40.07 3.22 0.89
C ALA D 72 -40.66 2.79 2.22
N ASP D 73 -41.36 1.67 2.21
CA ASP D 73 -41.86 1.04 3.41
C ASP D 73 -41.23 -0.33 3.35
N THR D 74 -40.36 -0.62 4.30
CA THR D 74 -39.55 -1.82 4.24
C THR D 74 -40.34 -3.01 4.73
N SER D 75 -41.33 -2.75 5.59
CA SER D 75 -42.19 -3.83 6.08
C SER D 75 -42.96 -4.47 4.94
N LYS D 76 -43.23 -3.69 3.88
CA LYS D 76 -43.92 -4.18 2.70
C LYS D 76 -43.02 -4.37 1.49
N ASN D 77 -41.73 -4.09 1.62
CA ASN D 77 -40.80 -4.31 0.52
C ASN D 77 -41.25 -3.57 -0.74
N THR D 78 -41.60 -2.31 -0.53
CA THR D 78 -42.24 -1.50 -1.52
C THR D 78 -41.68 -0.08 -1.49
N ALA D 79 -41.61 0.51 -2.68
CA ALA D 79 -41.15 1.87 -2.85
C ALA D 79 -42.33 2.62 -3.42
N TYR D 80 -42.33 3.94 -3.28
CA TYR D 80 -43.47 4.74 -3.68
C TYR D 80 -42.99 6.01 -4.37
N LEU D 81 -43.75 6.50 -5.33
CA LEU D 81 -43.47 7.79 -5.90
C LEU D 81 -44.75 8.56 -5.76
N GLN D 82 -44.74 9.58 -4.88
CA GLN D 82 -45.89 10.46 -4.69
C GLN D 82 -45.77 11.62 -5.67
N MET D 83 -46.78 11.79 -6.51
CA MET D 83 -46.71 12.75 -7.60
C MET D 83 -47.84 13.75 -7.43
N ASN D 84 -47.45 15.00 -7.13
CA ASN D 84 -48.36 16.12 -6.92
C ASN D 84 -48.17 17.18 -8.01
N SER D 85 -49.21 17.98 -8.19
CA SER D 85 -49.16 19.06 -9.17
C SER D 85 -48.79 18.56 -10.58
N LEU D 86 -49.51 17.55 -11.04
CA LEU D 86 -49.20 16.90 -12.31
C LEU D 86 -49.54 17.77 -13.50
N ARG D 87 -48.65 17.80 -14.49
CA ARG D 87 -48.93 18.46 -15.78
C ARG D 87 -49.05 17.43 -16.91
N ALA D 88 -49.50 17.89 -18.06
CA ALA D 88 -49.66 17.03 -19.24
C ALA D 88 -48.36 16.29 -19.61
N GLU D 89 -47.25 17.03 -19.56
CA GLU D 89 -45.93 16.49 -19.89
C GLU D 89 -45.39 15.38 -18.94
N ASP D 90 -45.98 15.20 -17.75
CA ASP D 90 -45.67 14.04 -16.90
C ASP D 90 -46.32 12.72 -17.42
N THR D 91 -47.16 12.81 -18.44
CA THR D 91 -47.76 11.62 -19.04
C THR D 91 -46.68 10.68 -19.56
N ALA D 92 -46.72 9.44 -19.13
CA ALA D 92 -45.62 8.52 -19.42
C ALA D 92 -45.87 7.16 -18.85
N VAL D 93 -45.10 6.20 -19.32
CA VAL D 93 -45.01 4.94 -18.62
C VAL D 93 -43.95 5.13 -17.56
N TYR D 94 -44.25 4.72 -16.32
CA TYR D 94 -43.32 4.85 -15.22
C TYR D 94 -42.83 3.48 -14.86
N TYR D 95 -41.51 3.31 -14.90
CA TYR D 95 -40.84 2.05 -14.46
C TYR D 95 -40.09 2.19 -13.11
N CYS D 96 -40.12 1.19 -12.23
CA CYS D 96 -39.16 1.15 -11.14
C CYS D 96 -38.09 0.15 -11.53
N ALA D 97 -36.87 0.42 -11.09
CA ALA D 97 -35.74 -0.45 -11.41
C ALA D 97 -34.76 -0.51 -10.23
N ARG D 98 -34.09 -1.64 -10.10
CA ARG D 98 -33.10 -1.86 -9.07
C ARG D 98 -31.72 -1.59 -9.61
N GLU D 99 -30.89 -0.96 -8.78
CA GLU D 99 -29.47 -0.76 -9.04
C GLU D 99 -28.64 -1.54 -7.99
N SER D 100 -27.97 -2.60 -8.42
CA SER D 100 -27.03 -3.28 -7.58
C SER D 100 -25.73 -2.52 -7.56
N SER D 101 -24.94 -2.77 -6.54
CA SER D 101 -23.64 -2.16 -6.41
C SER D 101 -22.62 -2.89 -7.24
N TYR D 102 -22.62 -4.21 -7.10
CA TYR D 102 -21.63 -5.04 -7.73
C TYR D 102 -22.19 -6.39 -8.17
N PHE D 103 -21.43 -7.05 -9.03
CA PHE D 103 -21.70 -8.41 -9.43
C PHE D 103 -20.54 -9.31 -9.05
N TYR D 104 -20.90 -10.42 -8.39
CA TYR D 104 -19.93 -11.42 -7.97
C TYR D 104 -20.00 -12.61 -8.90
N ASP D 105 -18.88 -12.95 -9.50
CA ASP D 105 -18.86 -14.00 -10.55
C ASP D 105 -18.85 -15.43 -9.99
N GLY D 106 -19.00 -15.61 -8.68
CA GLY D 106 -19.06 -16.93 -8.07
C GLY D 106 -17.69 -17.58 -7.86
N SER D 107 -16.64 -16.90 -8.29
CA SER D 107 -15.35 -17.50 -8.27
C SER D 107 -14.28 -16.42 -8.10
N TYR D 108 -14.43 -15.69 -7.00
CA TYR D 108 -13.42 -14.75 -6.54
C TYR D 108 -13.11 -13.49 -7.44
N SER D 109 -14.04 -13.08 -8.29
CA SER D 109 -13.94 -11.74 -8.90
C SER D 109 -15.18 -10.89 -8.81
N TYR D 110 -14.96 -9.59 -8.74
CA TYR D 110 -16.03 -8.64 -8.47
C TYR D 110 -16.03 -7.53 -9.50
N TYR D 111 -17.22 -7.17 -9.98
CA TYR D 111 -17.36 -6.14 -10.99
C TYR D 111 -18.32 -5.08 -10.52
N ASP D 112 -17.96 -3.82 -10.72
CA ASP D 112 -18.77 -2.68 -10.31
C ASP D 112 -19.83 -2.38 -11.38
N TYR D 113 -21.08 -2.22 -10.97
CA TYR D 113 -22.17 -1.91 -11.88
C TYR D 113 -22.22 -0.46 -12.29
N GLU D 114 -21.63 0.41 -11.46
CA GLU D 114 -21.51 1.85 -11.76
C GLU D 114 -22.85 2.44 -12.19
N GLY D 115 -23.89 2.16 -11.38
CA GLY D 115 -25.17 2.76 -11.60
C GLY D 115 -26.13 2.12 -12.57
N ALA D 116 -25.68 1.08 -13.27
CA ALA D 116 -26.55 0.31 -14.16
C ALA D 116 -27.69 -0.37 -13.39
N MET D 117 -28.84 -0.56 -14.06
CA MET D 117 -30.05 -1.08 -13.43
C MET D 117 -30.37 -2.46 -13.94
N ASP D 118 -30.21 -3.45 -13.06
CA ASP D 118 -30.29 -4.85 -13.45
C ASP D 118 -31.71 -5.41 -13.62
N TYR D 119 -32.69 -4.96 -12.87
CA TYR D 119 -34.05 -5.48 -13.02
C TYR D 119 -35.05 -4.38 -13.08
N TRP D 120 -35.98 -4.47 -14.03
CA TRP D 120 -37.02 -3.45 -14.20
C TRP D 120 -38.41 -4.04 -14.10
N GLY D 121 -39.37 -3.26 -13.66
CA GLY D 121 -40.75 -3.76 -13.67
C GLY D 121 -41.38 -3.59 -15.03
N GLN D 122 -42.60 -4.07 -15.21
CA GLN D 122 -43.28 -3.85 -16.49
C GLN D 122 -43.75 -2.41 -16.76
N GLY D 123 -43.85 -1.58 -15.73
CA GLY D 123 -44.25 -0.17 -15.85
C GLY D 123 -45.72 0.04 -15.62
N THR D 124 -46.12 1.24 -15.20
CA THR D 124 -47.54 1.58 -15.06
C THR D 124 -47.79 2.89 -15.79
N LEU D 125 -48.93 3.00 -16.47
CA LEU D 125 -49.18 4.18 -17.31
C LEU D 125 -49.88 5.25 -16.49
N VAL D 126 -49.36 6.46 -16.59
CA VAL D 126 -49.95 7.62 -16.00
C VAL D 126 -50.33 8.56 -17.14
N THR D 127 -51.63 8.83 -17.25
CA THR D 127 -52.11 9.78 -18.22
C THR D 127 -52.66 11.03 -17.49
N VAL D 128 -52.12 12.19 -17.85
CA VAL D 128 -52.54 13.45 -17.26
C VAL D 128 -53.33 14.30 -18.27
N SER D 129 -54.67 14.39 -18.11
CA SER D 129 -55.54 15.04 -19.08
C SER D 129 -56.86 15.59 -18.51
N SER D 130 -57.28 16.72 -19.06
CA SER D 130 -58.60 17.36 -18.77
C SER D 130 -59.75 16.65 -19.50
N ALA D 131 -59.42 15.88 -20.54
CA ALA D 131 -60.46 15.29 -21.40
C ALA D 131 -61.38 14.35 -20.62
N SER D 132 -62.59 14.15 -21.14
CA SER D 132 -63.60 13.27 -20.54
C SER D 132 -63.88 12.10 -21.47
N THR D 133 -64.11 10.95 -20.89
CA THR D 133 -64.52 9.79 -21.61
C THR D 133 -65.51 10.16 -22.72
N LYS D 134 -65.26 9.64 -23.93
CA LYS D 134 -66.14 9.86 -25.09
C LYS D 134 -65.87 8.82 -26.20
N GLY D 135 -66.94 8.31 -26.79
CA GLY D 135 -66.85 7.33 -27.86
C GLY D 135 -66.60 7.99 -29.20
N PRO D 136 -66.04 7.25 -30.15
CA PRO D 136 -65.68 7.77 -31.45
C PRO D 136 -66.84 7.87 -32.43
N SER D 137 -66.71 8.81 -33.37
CA SER D 137 -67.48 8.83 -34.60
C SER D 137 -66.65 8.09 -35.62
N VAL D 138 -67.31 7.27 -36.42
CA VAL D 138 -66.63 6.46 -37.41
C VAL D 138 -67.09 6.89 -38.78
N PHE D 139 -66.13 7.23 -39.65
CA PHE D 139 -66.44 7.67 -41.00
C PHE D 139 -65.75 6.78 -42.03
N PRO D 140 -66.41 6.61 -43.18
CA PRO D 140 -65.82 5.77 -44.21
C PRO D 140 -64.70 6.48 -44.89
N LEU D 141 -63.64 5.73 -45.19
CA LEU D 141 -62.64 6.10 -46.19
C LEU D 141 -62.95 5.28 -47.43
N ALA D 142 -63.69 5.89 -48.33
CA ALA D 142 -64.30 5.17 -49.46
C ALA D 142 -63.36 5.07 -50.67
N PRO D 143 -63.34 3.91 -51.32
CA PRO D 143 -62.56 3.80 -52.58
C PRO D 143 -63.24 4.48 -53.78
N SER D 144 -62.48 4.74 -54.86
CA SER D 144 -63.10 4.65 -56.22
C SER D 144 -62.07 4.03 -57.20
N SER D 145 -62.35 4.10 -58.50
CA SER D 145 -61.42 3.57 -59.52
C SER D 145 -61.00 4.73 -60.40
N GLY D 151 -56.13 -3.30 -60.71
CA GLY D 151 -55.13 -3.16 -59.71
C GLY D 151 -55.56 -3.45 -58.27
N THR D 152 -54.97 -2.73 -57.31
CA THR D 152 -55.46 -2.75 -55.93
C THR D 152 -56.11 -1.40 -55.52
N ALA D 153 -57.20 -1.53 -54.76
CA ALA D 153 -57.94 -0.42 -54.22
C ALA D 153 -57.71 -0.42 -52.71
N ALA D 154 -57.84 0.73 -52.11
CA ALA D 154 -57.75 0.89 -50.67
C ALA D 154 -59.05 1.45 -50.16
N LEU D 155 -59.39 1.08 -48.93
CA LEU D 155 -60.56 1.62 -48.27
C LEU D 155 -60.33 1.47 -46.80
N GLY D 156 -61.17 2.10 -45.99
CA GLY D 156 -60.90 2.16 -44.56
C GLY D 156 -61.97 2.84 -43.76
N CYS D 157 -61.74 2.90 -42.45
CA CYS D 157 -62.59 3.61 -41.51
C CYS D 157 -61.75 4.65 -40.78
N LEU D 158 -62.28 5.86 -40.67
CA LEU D 158 -61.65 6.90 -39.87
C LEU D 158 -62.36 6.88 -38.54
N VAL D 159 -61.60 6.67 -37.45
CA VAL D 159 -62.18 6.48 -36.12
C VAL D 159 -61.81 7.68 -35.27
N LYS D 160 -62.72 8.64 -35.18
CA LYS D 160 -62.35 10.00 -34.77
C LYS D 160 -62.93 10.46 -33.44
N ASP D 161 -62.12 11.20 -32.70
CA ASP D 161 -62.54 11.92 -31.48
C ASP D 161 -62.98 11.04 -30.31
N TYR D 162 -62.06 10.25 -29.81
CA TYR D 162 -62.40 9.38 -28.70
C TYR D 162 -61.42 9.55 -27.57
N PHE D 163 -61.87 9.19 -26.38
CA PHE D 163 -61.01 9.23 -25.21
C PHE D 163 -61.59 8.32 -24.12
N PRO D 164 -60.73 7.61 -23.38
CA PRO D 164 -59.27 7.50 -23.64
C PRO D 164 -58.94 6.33 -24.60
N GLU D 165 -57.66 6.00 -24.79
CA GLU D 165 -57.28 4.73 -25.43
C GLU D 165 -57.80 3.56 -24.58
N PRO D 166 -58.06 2.39 -25.16
CA PRO D 166 -57.84 2.10 -26.56
C PRO D 166 -59.15 1.92 -27.33
N VAL D 167 -59.03 1.71 -28.63
CA VAL D 167 -60.12 1.32 -29.50
C VAL D 167 -59.66 0.03 -30.20
N THR D 168 -60.61 -0.80 -30.59
CA THR D 168 -60.31 -1.98 -31.42
C THR D 168 -61.09 -1.84 -32.74
N VAL D 169 -60.44 -2.22 -33.82
CA VAL D 169 -61.04 -2.25 -35.14
C VAL D 169 -60.86 -3.63 -35.75
N SER D 170 -61.93 -4.23 -36.23
CA SER D 170 -61.82 -5.43 -37.02
C SER D 170 -62.60 -5.25 -38.35
N TRP D 171 -62.37 -6.14 -39.32
CA TRP D 171 -63.06 -6.06 -40.60
C TRP D 171 -63.85 -7.37 -40.85
N ASN D 172 -65.10 -7.22 -41.25
CA ASN D 172 -66.04 -8.31 -41.42
C ASN D 172 -65.98 -9.28 -40.27
N SER D 173 -66.08 -8.71 -39.07
CA SER D 173 -66.10 -9.46 -37.81
C SER D 173 -64.91 -10.41 -37.64
N GLY D 174 -63.75 -10.03 -38.14
CA GLY D 174 -62.55 -10.85 -38.03
C GLY D 174 -62.24 -11.71 -39.24
N ALA D 175 -63.16 -11.79 -40.18
CA ALA D 175 -62.99 -12.65 -41.34
C ALA D 175 -61.92 -12.14 -42.29
N LEU D 176 -61.77 -10.82 -42.33
CA LEU D 176 -60.82 -10.17 -43.19
C LEU D 176 -59.68 -9.62 -42.35
N THR D 177 -58.45 -10.18 -42.53
CA THR D 177 -57.23 -9.68 -41.82
C THR D 177 -56.05 -9.35 -42.75
N SER D 178 -55.94 -10.04 -43.88
CA SER D 178 -54.89 -9.70 -44.85
C SER D 178 -55.07 -8.32 -45.42
N GLY D 179 -53.96 -7.61 -45.54
CA GLY D 179 -53.96 -6.28 -46.13
C GLY D 179 -54.54 -5.20 -45.21
N VAL D 180 -54.88 -5.56 -43.99
CA VAL D 180 -55.42 -4.62 -43.04
C VAL D 180 -54.24 -3.96 -42.36
N HIS D 181 -54.24 -2.61 -42.28
CA HIS D 181 -53.36 -1.87 -41.40
C HIS D 181 -54.20 -0.98 -40.54
N THR D 182 -54.05 -1.12 -39.22
CA THR D 182 -54.72 -0.27 -38.26
C THR D 182 -53.69 0.61 -37.52
N PHE D 183 -53.80 1.94 -37.73
CA PHE D 183 -52.71 2.84 -37.39
C PHE D 183 -52.72 3.20 -35.91
N PRO D 184 -51.52 3.49 -35.35
CA PRO D 184 -51.46 4.02 -33.99
C PRO D 184 -52.28 5.30 -33.87
N ALA D 185 -53.00 5.43 -32.79
CA ALA D 185 -53.81 6.60 -32.55
C ALA D 185 -52.91 7.80 -32.41
N VAL D 186 -53.43 8.95 -32.78
CA VAL D 186 -52.74 10.20 -32.66
C VAL D 186 -53.56 11.11 -31.71
N LEU D 187 -52.87 11.80 -30.83
CA LEU D 187 -53.53 12.67 -29.88
C LEU D 187 -53.69 14.00 -30.57
N GLN D 188 -54.92 14.49 -30.67
CA GLN D 188 -55.17 15.77 -31.35
C GLN D 188 -55.03 16.92 -30.37
N SER D 189 -54.88 18.12 -30.90
CA SER D 189 -54.73 19.30 -30.07
C SER D 189 -55.96 19.53 -29.18
N SER D 190 -57.09 18.93 -29.52
CA SER D 190 -58.27 18.97 -28.66
C SER D 190 -58.22 18.06 -27.41
N GLY D 191 -57.18 17.24 -27.31
CA GLY D 191 -57.10 16.24 -26.23
C GLY D 191 -57.73 14.88 -26.51
N LEU D 192 -58.39 14.75 -27.66
CA LEU D 192 -59.03 13.49 -28.03
C LEU D 192 -58.17 12.75 -29.06
N TYR D 193 -58.30 11.42 -29.07
CA TYR D 193 -57.56 10.60 -30.02
C TYR D 193 -58.32 10.36 -31.34
N SER D 194 -57.55 10.00 -32.36
CA SER D 194 -58.08 9.68 -33.65
C SER D 194 -57.17 8.65 -34.34
N LEU D 195 -57.74 7.75 -35.13
CA LEU D 195 -56.95 6.81 -35.93
C LEU D 195 -57.69 6.39 -37.16
N SER D 196 -56.97 5.71 -38.03
CA SER D 196 -57.60 5.08 -39.20
C SER D 196 -57.19 3.63 -39.27
N SER D 197 -58.10 2.83 -39.78
CA SER D 197 -57.79 1.49 -40.20
C SER D 197 -58.10 1.36 -41.69
N VAL D 198 -57.25 0.63 -42.40
CA VAL D 198 -57.38 0.55 -43.86
C VAL D 198 -57.14 -0.84 -44.29
N VAL D 199 -57.55 -1.14 -45.51
CA VAL D 199 -57.26 -2.39 -46.11
C VAL D 199 -57.16 -2.23 -47.62
N THR D 200 -56.19 -2.89 -48.23
CA THR D 200 -56.09 -2.87 -49.66
C THR D 200 -56.61 -4.18 -50.18
N VAL D 201 -57.36 -4.10 -51.28
CA VAL D 201 -58.04 -5.25 -51.85
C VAL D 201 -57.98 -5.11 -53.37
N PRO D 202 -58.32 -6.18 -54.11
CA PRO D 202 -58.44 -6.08 -55.58
C PRO D 202 -59.57 -5.14 -56.03
N SER D 203 -59.35 -4.39 -57.12
CA SER D 203 -60.40 -3.55 -57.71
C SER D 203 -61.65 -4.35 -58.11
N SER D 204 -61.46 -5.51 -58.72
CA SER D 204 -62.58 -6.34 -59.18
C SER D 204 -63.54 -6.78 -58.06
N SER D 205 -63.02 -6.90 -56.83
CA SER D 205 -63.84 -7.35 -55.71
C SER D 205 -64.73 -6.23 -55.12
N LEU D 206 -64.56 -4.99 -55.53
CA LEU D 206 -65.48 -3.94 -55.11
C LEU D 206 -66.77 -4.19 -55.81
N GLY D 207 -67.88 -3.92 -55.13
CA GLY D 207 -69.17 -4.30 -55.71
C GLY D 207 -69.52 -5.79 -55.86
N THR D 208 -68.58 -6.69 -55.59
CA THR D 208 -68.92 -8.12 -55.42
C THR D 208 -68.72 -8.59 -53.98
N GLN D 209 -67.93 -7.84 -53.21
CA GLN D 209 -67.66 -8.12 -51.78
C GLN D 209 -68.08 -6.92 -50.90
N THR D 210 -68.51 -7.18 -49.67
CA THR D 210 -68.75 -6.08 -48.75
C THR D 210 -67.65 -6.00 -47.70
N TYR D 211 -67.38 -4.78 -47.27
CA TYR D 211 -66.40 -4.49 -46.28
C TYR D 211 -67.07 -3.66 -45.19
N ILE D 212 -67.04 -4.19 -43.98
CA ILE D 212 -67.58 -3.52 -42.79
C ILE D 212 -66.50 -3.49 -41.76
N CYS D 213 -66.23 -2.32 -41.20
CA CYS D 213 -65.36 -2.23 -40.04
C CYS D 213 -66.16 -2.23 -38.75
N ASN D 214 -65.61 -2.91 -37.76
CA ASN D 214 -66.24 -3.11 -36.46
C ASN D 214 -65.40 -2.39 -35.46
N VAL D 215 -65.97 -1.34 -34.85
CA VAL D 215 -65.23 -0.51 -33.94
C VAL D 215 -65.80 -0.63 -32.55
N ASN D 216 -64.92 -0.85 -31.60
CA ASN D 216 -65.29 -1.04 -30.22
C ASN D 216 -64.40 -0.19 -29.35
N HIS D 217 -65.01 0.57 -28.46
CA HIS D 217 -64.32 1.44 -27.50
C HIS D 217 -64.95 1.18 -26.13
N LYS D 218 -64.30 0.27 -25.39
CA LYS D 218 -64.84 -0.24 -24.14
C LYS D 218 -65.12 0.84 -23.09
N PRO D 219 -64.19 1.79 -22.88
CA PRO D 219 -64.41 2.84 -21.88
C PRO D 219 -65.74 3.60 -21.97
N SER D 220 -66.38 3.63 -23.13
CA SER D 220 -67.66 4.33 -23.25
C SER D 220 -68.79 3.40 -23.70
N ASN D 221 -68.52 2.09 -23.63
CA ASN D 221 -69.43 1.06 -24.12
C ASN D 221 -70.03 1.34 -25.50
N THR D 222 -69.16 1.74 -26.41
CA THR D 222 -69.54 2.12 -27.77
C THR D 222 -69.14 1.01 -28.72
N LYS D 223 -70.03 0.67 -29.64
CA LYS D 223 -69.76 -0.37 -30.65
C LYS D 223 -70.41 0.07 -31.94
N VAL D 224 -69.62 0.26 -32.98
CA VAL D 224 -70.11 0.76 -34.26
C VAL D 224 -69.67 -0.15 -35.41
N ASP D 225 -70.63 -0.52 -36.27
CA ASP D 225 -70.36 -1.22 -37.50
C ASP D 225 -70.60 -0.27 -38.67
N LYS D 226 -69.60 -0.10 -39.54
CA LYS D 226 -69.76 0.81 -40.65
C LYS D 226 -69.48 0.14 -42.01
N LYS D 227 -70.48 0.13 -42.87
CA LYS D 227 -70.30 -0.40 -44.21
C LYS D 227 -69.51 0.64 -45.01
N VAL D 228 -68.58 0.16 -45.83
CA VAL D 228 -67.74 1.04 -46.64
C VAL D 228 -67.88 0.64 -48.11
N GLU D 229 -68.46 1.53 -48.91
CA GLU D 229 -68.69 1.21 -50.33
C GLU D 229 -68.29 2.38 -51.20
N PRO D 230 -68.01 2.08 -52.49
CA PRO D 230 -67.64 3.14 -53.43
C PRO D 230 -68.70 4.24 -53.45
N LYS D 231 -68.29 5.43 -53.81
CA LYS D 231 -69.19 6.59 -53.73
C LYS D 231 -70.16 6.62 -54.93
N SER D 232 -71.28 7.33 -54.77
CA SER D 232 -72.23 7.52 -55.90
C SER D 232 -72.67 8.97 -56.02
N ASP E 1 -24.94 19.37 -16.85
CA ASP E 1 -25.96 18.28 -16.96
C ASP E 1 -25.62 17.38 -18.18
N ILE E 2 -24.82 16.35 -17.92
CA ILE E 2 -24.12 15.58 -18.96
C ILE E 2 -24.97 14.98 -20.07
N GLN E 3 -24.48 15.10 -21.30
CA GLN E 3 -25.24 14.68 -22.47
C GLN E 3 -24.61 13.48 -23.09
N MET E 4 -25.48 12.55 -23.46
CA MET E 4 -25.00 11.35 -24.13
C MET E 4 -25.58 11.47 -25.50
N THR E 5 -24.74 11.63 -26.50
CA THR E 5 -25.24 11.71 -27.87
C THR E 5 -25.06 10.35 -28.56
N GLN E 6 -26.19 9.75 -28.88
CA GLN E 6 -26.23 8.38 -29.35
C GLN E 6 -26.45 8.43 -30.85
N SER E 7 -25.74 7.58 -31.58
CA SER E 7 -25.92 7.54 -33.02
C SER E 7 -25.62 6.15 -33.60
N PRO E 8 -26.31 5.82 -34.68
CA PRO E 8 -27.32 6.67 -35.34
C PRO E 8 -28.67 6.51 -34.69
N SER E 9 -29.63 7.35 -35.07
CA SER E 9 -31.01 7.23 -34.61
C SER E 9 -31.71 5.97 -35.04
N SER E 10 -31.39 5.58 -36.27
CA SER E 10 -31.98 4.42 -36.92
C SER E 10 -30.92 3.68 -37.73
N LEU E 11 -31.07 2.38 -37.85
CA LEU E 11 -30.08 1.56 -38.46
C LEU E 11 -30.72 0.36 -39.14
N SER E 12 -30.36 0.12 -40.37
CA SER E 12 -30.92 -1.01 -41.10
C SER E 12 -29.92 -2.15 -41.19
N ALA E 13 -30.37 -3.37 -40.89
CA ALA E 13 -29.49 -4.51 -40.89
C ALA E 13 -30.15 -5.82 -41.24
N SER E 14 -29.31 -6.84 -41.44
CA SER E 14 -29.78 -8.19 -41.75
C SER E 14 -29.23 -9.15 -40.73
N VAL E 15 -29.97 -10.24 -40.53
CA VAL E 15 -29.50 -11.30 -39.66
C VAL E 15 -28.15 -11.72 -40.17
N GLY E 16 -27.16 -11.82 -39.29
CA GLY E 16 -25.79 -12.18 -39.65
C GLY E 16 -24.81 -11.02 -39.69
N ASP E 17 -25.32 -9.80 -39.89
CA ASP E 17 -24.49 -8.60 -39.90
C ASP E 17 -23.76 -8.33 -38.56
N ARG E 18 -22.64 -7.62 -38.66
CA ARG E 18 -21.97 -7.02 -37.53
C ARG E 18 -22.49 -5.60 -37.37
N VAL E 19 -23.07 -5.31 -36.21
CA VAL E 19 -23.71 -4.02 -35.99
C VAL E 19 -23.04 -3.32 -34.83
N THR E 20 -23.00 -1.99 -34.93
CA THR E 20 -22.33 -1.11 -34.03
C THR E 20 -23.17 0.11 -33.79
N ILE E 21 -23.22 0.53 -32.54
CA ILE E 21 -23.96 1.71 -32.16
C ILE E 21 -23.07 2.51 -31.25
N THR E 22 -23.10 3.83 -31.36
CA THR E 22 -22.19 4.67 -30.58
C THR E 22 -22.89 5.70 -29.68
N CYS E 23 -22.16 6.13 -28.68
CA CYS E 23 -22.69 7.09 -27.72
C CYS E 23 -21.51 7.98 -27.35
N ARG E 24 -21.65 9.27 -27.55
CA ARG E 24 -20.57 10.21 -27.23
C ARG E 24 -20.98 11.02 -26.00
N ALA E 25 -20.14 10.97 -24.97
CA ALA E 25 -20.42 11.70 -23.76
C ALA E 25 -19.85 13.11 -23.89
N SER E 26 -20.59 14.09 -23.39
CA SER E 26 -20.22 15.50 -23.57
C SER E 26 -19.02 15.91 -22.70
N GLN E 27 -18.66 15.09 -21.74
CA GLN E 27 -17.32 15.16 -21.10
C GLN E 27 -17.03 13.83 -20.47
N SER E 28 -15.77 13.61 -20.07
CA SER E 28 -15.41 12.32 -19.50
C SER E 28 -16.47 11.86 -18.51
N VAL E 29 -16.84 10.59 -18.60
CA VAL E 29 -17.72 9.99 -17.59
C VAL E 29 -17.05 8.73 -17.09
N SER E 30 -15.77 8.64 -17.38
CA SER E 30 -14.97 7.52 -16.95
C SER E 30 -15.53 6.25 -17.60
N SER E 31 -15.71 5.15 -16.86
CA SER E 31 -16.24 3.93 -17.44
C SER E 31 -17.73 3.67 -17.13
N ALA E 32 -18.44 4.66 -16.59
CA ALA E 32 -19.74 4.45 -15.98
C ALA E 32 -20.91 4.62 -16.95
N VAL E 33 -20.91 3.73 -17.94
CA VAL E 33 -21.87 3.75 -19.04
C VAL E 33 -22.50 2.38 -19.14
N ALA E 34 -23.82 2.34 -19.34
CA ALA E 34 -24.52 1.09 -19.48
C ALA E 34 -25.32 1.09 -20.76
N TRP E 35 -25.61 -0.12 -21.27
CA TRP E 35 -26.45 -0.28 -22.46
C TRP E 35 -27.66 -1.20 -22.19
N TYR E 36 -28.82 -0.78 -22.71
CA TYR E 36 -30.06 -1.48 -22.57
C TYR E 36 -30.74 -1.71 -23.94
N GLN E 37 -31.51 -2.78 -24.02
CA GLN E 37 -32.33 -3.13 -25.15
C GLN E 37 -33.78 -3.05 -24.71
N GLN E 38 -34.64 -2.49 -25.58
CA GLN E 38 -36.04 -2.38 -25.31
C GLN E 38 -36.84 -2.71 -26.56
N LYS E 39 -37.73 -3.69 -26.43
CA LYS E 39 -38.69 -4.05 -27.45
C LYS E 39 -40.04 -3.36 -27.23
N PRO E 40 -40.84 -3.20 -28.27
CA PRO E 40 -42.05 -2.34 -28.15
C PRO E 40 -42.98 -2.77 -27.02
N GLY E 41 -43.43 -1.82 -26.19
CA GLY E 41 -44.30 -2.14 -25.04
C GLY E 41 -43.68 -2.99 -23.93
N LYS E 42 -42.36 -3.16 -23.94
CA LYS E 42 -41.65 -3.95 -22.92
C LYS E 42 -40.71 -3.09 -22.11
N ALA E 43 -40.30 -3.59 -20.95
CA ALA E 43 -39.38 -2.81 -20.13
C ALA E 43 -37.98 -2.93 -20.68
N PRO E 44 -37.14 -1.93 -20.41
CA PRO E 44 -35.73 -2.10 -20.80
C PRO E 44 -35.08 -3.27 -20.11
N LYS E 45 -34.17 -3.92 -20.82
CA LYS E 45 -33.47 -5.03 -20.28
C LYS E 45 -31.97 -4.65 -20.41
N LEU E 46 -31.22 -4.83 -19.33
CA LEU E 46 -29.80 -4.52 -19.31
C LEU E 46 -28.93 -5.48 -20.14
N LEU E 47 -27.98 -4.91 -20.88
CA LEU E 47 -27.04 -5.67 -21.72
C LEU E 47 -25.61 -5.63 -21.24
N ILE E 48 -25.14 -4.41 -21.01
CA ILE E 48 -23.76 -4.11 -20.73
C ILE E 48 -23.69 -3.03 -19.61
N TYR E 49 -22.73 -3.20 -18.70
CA TYR E 49 -22.52 -2.26 -17.63
C TYR E 49 -21.08 -1.93 -17.44
N SER E 50 -20.83 -0.72 -16.94
CA SER E 50 -19.48 -0.25 -16.70
C SER E 50 -18.71 -0.36 -18.02
N ALA E 51 -19.35 0.21 -18.96
CA ALA E 51 -18.67 0.32 -20.25
C ALA E 51 -18.52 -0.98 -21.00
N SER E 52 -18.00 -2.04 -20.44
CA SER E 52 -17.67 -3.23 -21.17
C SER E 52 -17.85 -4.56 -20.45
N SER E 53 -18.60 -4.59 -19.36
CA SER E 53 -18.90 -5.85 -18.71
C SER E 53 -20.24 -6.38 -19.19
N LEU E 54 -20.28 -7.68 -19.47
CA LEU E 54 -21.46 -8.31 -20.04
C LEU E 54 -22.37 -8.78 -18.94
N TYR E 55 -23.60 -8.28 -18.94
CA TYR E 55 -24.55 -8.70 -17.95
C TYR E 55 -24.81 -10.23 -18.03
N SER E 56 -24.78 -10.87 -16.88
CA SER E 56 -25.23 -12.25 -16.67
C SER E 56 -26.44 -12.64 -17.49
N GLY E 57 -26.29 -13.71 -18.27
CA GLY E 57 -27.36 -14.20 -19.14
C GLY E 57 -27.47 -13.58 -20.51
N VAL E 58 -26.66 -12.60 -20.84
CA VAL E 58 -26.77 -11.93 -22.12
C VAL E 58 -25.80 -12.68 -23.01
N PRO E 59 -26.25 -13.03 -24.23
CA PRO E 59 -25.45 -13.72 -25.24
C PRO E 59 -24.15 -13.03 -25.53
N SER E 60 -23.09 -13.83 -25.69
CA SER E 60 -21.77 -13.28 -25.98
C SER E 60 -21.63 -12.40 -27.22
N ARG E 61 -22.56 -12.48 -28.14
CA ARG E 61 -22.47 -11.64 -29.33
C ARG E 61 -22.58 -10.13 -29.04
N PHE E 62 -23.14 -9.79 -27.87
CA PHE E 62 -23.13 -8.42 -27.35
C PHE E 62 -21.80 -8.12 -26.65
N SER E 63 -21.19 -6.98 -26.98
CA SER E 63 -19.99 -6.50 -26.29
C SER E 63 -19.96 -4.99 -26.23
N GLY E 64 -19.21 -4.46 -25.28
CA GLY E 64 -19.05 -2.99 -25.20
C GLY E 64 -17.62 -2.50 -25.15
N SER E 65 -17.41 -1.27 -25.58
CA SER E 65 -16.07 -0.74 -25.54
C SER E 65 -16.06 0.75 -25.38
N ARG E 66 -14.90 1.21 -24.91
CA ARG E 66 -14.69 2.58 -24.60
C ARG E 66 -13.38 3.11 -25.14
N SER E 67 -13.45 4.33 -25.67
CA SER E 67 -12.27 5.13 -25.95
C SER E 67 -12.52 6.57 -25.56
N GLY E 68 -11.93 6.98 -24.46
CA GLY E 68 -12.18 8.31 -23.91
C GLY E 68 -13.65 8.52 -23.57
N THR E 69 -14.29 9.41 -24.32
CA THR E 69 -15.67 9.77 -24.11
C THR E 69 -16.58 9.13 -25.17
N ASP E 70 -16.03 8.18 -25.93
CA ASP E 70 -16.77 7.49 -26.97
C ASP E 70 -17.06 6.07 -26.57
N PHE E 71 -18.34 5.72 -26.54
CA PHE E 71 -18.75 4.36 -26.18
C PHE E 71 -19.43 3.64 -27.34
N THR E 72 -19.11 2.36 -27.47
CA THR E 72 -19.66 1.56 -28.54
C THR E 72 -20.25 0.25 -28.02
N LEU E 73 -21.47 -0.04 -28.48
CA LEU E 73 -22.08 -1.35 -28.33
C LEU E 73 -22.03 -2.05 -29.67
N THR E 74 -21.56 -3.30 -29.65
CA THR E 74 -21.34 -4.08 -30.87
C THR E 74 -22.12 -5.37 -30.77
N ILE E 75 -22.78 -5.73 -31.85
CA ILE E 75 -23.45 -7.03 -31.93
C ILE E 75 -22.77 -7.77 -33.04
N SER E 76 -22.06 -8.84 -32.70
CA SER E 76 -21.12 -9.42 -33.65
C SER E 76 -21.83 -10.12 -34.81
N SER E 77 -22.93 -10.80 -34.52
CA SER E 77 -23.74 -11.43 -35.52
C SER E 77 -25.25 -11.31 -35.18
N LEU E 78 -25.89 -10.37 -35.83
CA LEU E 78 -27.23 -9.99 -35.46
C LEU E 78 -28.22 -11.13 -35.58
N GLN E 79 -28.97 -11.39 -34.53
CA GLN E 79 -30.03 -12.42 -34.56
C GLN E 79 -31.46 -11.81 -34.65
N PRO E 80 -32.45 -12.62 -35.05
CA PRO E 80 -33.81 -12.04 -35.27
C PRO E 80 -34.38 -11.39 -34.05
N GLU E 81 -34.06 -11.95 -32.89
CA GLU E 81 -34.52 -11.33 -31.64
C GLU E 81 -33.80 -10.04 -31.27
N ASP E 82 -32.80 -9.58 -32.03
CA ASP E 82 -32.07 -8.35 -31.70
C ASP E 82 -32.60 -7.08 -32.35
N PHE E 83 -33.61 -7.20 -33.18
CA PHE E 83 -34.22 -6.01 -33.75
C PHE E 83 -35.03 -5.42 -32.66
N ALA E 84 -34.66 -4.21 -32.28
CA ALA E 84 -35.22 -3.58 -31.09
C ALA E 84 -34.64 -2.17 -31.06
N THR E 85 -34.93 -1.43 -29.99
CA THR E 85 -34.27 -0.15 -29.75
C THR E 85 -33.28 -0.31 -28.60
N TYR E 86 -32.18 0.43 -28.67
CA TYR E 86 -31.09 0.33 -27.74
C TYR E 86 -30.83 1.71 -27.13
N TYR E 87 -30.45 1.79 -25.85
CA TYR E 87 -30.16 3.04 -25.18
C TYR E 87 -28.86 2.93 -24.40
N CYS E 88 -28.06 3.99 -24.43
CA CYS E 88 -26.96 4.13 -23.51
C CYS E 88 -27.42 5.00 -22.32
N GLN E 89 -26.63 4.96 -21.25
CA GLN E 89 -26.87 5.66 -20.01
C GLN E 89 -25.54 5.97 -19.37
N GLN E 90 -25.38 7.17 -18.78
CA GLN E 90 -24.25 7.39 -17.87
C GLN E 90 -24.74 7.59 -16.44
N SER E 91 -23.98 7.05 -15.48
CA SER E 91 -24.21 7.28 -14.03
C SER E 91 -22.95 7.67 -13.30
N SER E 92 -22.18 8.53 -13.96
CA SER E 92 -20.98 9.17 -13.39
C SER E 92 -21.32 10.47 -12.71
N TYR E 93 -22.34 11.17 -13.21
CA TYR E 93 -22.86 12.36 -12.54
C TYR E 93 -24.37 12.34 -12.43
N SER E 94 -24.89 12.68 -11.24
CA SER E 94 -26.33 12.93 -11.04
C SER E 94 -26.64 14.27 -11.71
N PRO E 95 -27.79 14.43 -12.35
CA PRO E 95 -28.69 13.33 -12.73
C PRO E 95 -28.08 12.37 -13.76
N LEU E 96 -28.47 11.10 -13.68
CA LEU E 96 -28.01 10.17 -14.68
C LEU E 96 -28.86 10.39 -15.95
N THR E 97 -28.26 10.25 -17.12
CA THR E 97 -28.94 10.60 -18.37
C THR E 97 -28.77 9.51 -19.40
N PHE E 98 -29.71 9.48 -20.33
CA PHE E 98 -29.78 8.47 -21.36
C PHE E 98 -29.49 9.07 -22.73
N GLY E 99 -28.86 8.31 -23.61
CA GLY E 99 -28.93 8.66 -25.02
C GLY E 99 -30.38 8.66 -25.53
N GLN E 100 -30.58 9.19 -26.72
CA GLN E 100 -31.91 9.33 -27.23
C GLN E 100 -32.41 8.06 -27.98
N GLY E 101 -31.57 7.05 -28.10
CA GLY E 101 -32.00 5.80 -28.72
C GLY E 101 -31.58 5.48 -30.16
N THR E 102 -31.54 4.20 -30.45
CA THR E 102 -31.17 3.71 -31.79
C THR E 102 -32.07 2.55 -32.10
N LYS E 103 -32.96 2.74 -33.07
CA LYS E 103 -33.81 1.66 -33.56
C LYS E 103 -33.06 0.81 -34.59
N VAL E 104 -32.99 -0.50 -34.33
CA VAL E 104 -32.45 -1.46 -35.26
C VAL E 104 -33.57 -2.17 -36.00
N GLU E 105 -33.66 -1.92 -37.30
CA GLU E 105 -34.78 -2.40 -38.12
C GLU E 105 -34.26 -3.30 -39.23
N ILE E 106 -35.15 -4.02 -39.88
CA ILE E 106 -34.78 -5.06 -40.81
C ILE E 106 -34.59 -4.53 -42.23
N LYS E 107 -33.43 -4.80 -42.82
CA LYS E 107 -33.20 -4.45 -44.23
C LYS E 107 -34.02 -5.35 -45.14
N ARG E 108 -34.43 -4.79 -46.27
CA ARG E 108 -35.02 -5.56 -47.37
C ARG E 108 -34.92 -4.69 -48.59
N THR E 109 -35.29 -5.21 -49.74
CA THR E 109 -35.23 -4.40 -50.96
C THR E 109 -36.21 -3.20 -50.89
N VAL E 110 -35.89 -2.20 -51.68
CA VAL E 110 -36.74 -1.03 -51.82
C VAL E 110 -38.11 -1.39 -52.30
N ALA E 111 -39.11 -0.73 -51.73
CA ALA E 111 -40.47 -0.90 -52.20
C ALA E 111 -41.18 0.42 -52.12
N ALA E 112 -41.70 0.87 -53.25
CA ALA E 112 -42.36 2.16 -53.32
C ALA E 112 -43.73 2.07 -52.71
N PRO E 113 -44.17 3.15 -52.04
CA PRO E 113 -45.52 3.07 -51.51
C PRO E 113 -46.50 3.02 -52.64
N SER E 114 -47.64 2.39 -52.38
CA SER E 114 -48.82 2.69 -53.13
C SER E 114 -49.55 3.79 -52.32
N VAL E 115 -50.14 4.74 -53.02
CA VAL E 115 -50.65 5.95 -52.43
C VAL E 115 -52.13 6.17 -52.80
N PHE E 116 -52.92 6.53 -51.79
CA PHE E 116 -54.34 6.80 -51.99
C PHE E 116 -54.67 8.05 -51.21
N ILE E 117 -55.66 8.79 -51.68
CA ILE E 117 -56.14 9.94 -50.97
C ILE E 117 -57.63 9.71 -50.79
N PHE E 118 -58.20 10.06 -49.65
CA PHE E 118 -59.62 9.92 -49.41
C PHE E 118 -60.19 11.27 -49.00
N PRO E 119 -61.24 11.73 -49.68
CA PRO E 119 -61.85 12.96 -49.22
C PRO E 119 -62.65 12.68 -47.98
N PRO E 120 -63.09 13.73 -47.30
CA PRO E 120 -63.93 13.58 -46.14
C PRO E 120 -65.29 13.08 -46.55
N SER E 121 -65.84 12.17 -45.76
CA SER E 121 -67.21 11.72 -45.92
C SER E 121 -68.18 12.89 -45.71
N ASP E 122 -69.37 12.74 -46.29
CA ASP E 122 -70.40 13.71 -46.07
C ASP E 122 -70.90 13.70 -44.63
N GLU E 123 -71.00 12.54 -43.99
CA GLU E 123 -71.49 12.55 -42.58
C GLU E 123 -70.58 13.42 -41.71
N GLN E 124 -69.27 13.39 -41.96
CA GLN E 124 -68.35 14.20 -41.16
C GLN E 124 -68.53 15.71 -41.44
N LEU E 125 -68.68 16.06 -42.72
CA LEU E 125 -68.90 17.45 -43.12
C LEU E 125 -70.09 18.10 -42.40
N LYS E 126 -71.22 17.41 -42.32
CA LYS E 126 -72.34 17.85 -41.44
C LYS E 126 -71.89 18.30 -40.06
N SER E 127 -70.98 17.54 -39.46
CA SER E 127 -70.50 17.87 -38.12
C SER E 127 -69.64 19.16 -38.05
N GLY E 128 -69.17 19.72 -39.16
CA GLY E 128 -68.41 20.99 -39.09
C GLY E 128 -66.89 20.89 -39.18
N THR E 129 -66.40 19.65 -39.37
CA THR E 129 -64.99 19.41 -39.64
C THR E 129 -64.82 18.52 -40.86
N ALA E 130 -63.67 18.66 -41.52
CA ALA E 130 -63.31 17.81 -42.62
C ALA E 130 -61.93 17.18 -42.38
N SER E 131 -61.84 15.87 -42.44
CA SER E 131 -60.56 15.18 -42.40
C SER E 131 -60.26 14.66 -43.78
N VAL E 132 -59.09 14.97 -44.28
CA VAL E 132 -58.63 14.42 -45.56
C VAL E 132 -57.46 13.49 -45.24
N VAL E 133 -57.46 12.30 -45.81
CA VAL E 133 -56.49 11.28 -45.41
C VAL E 133 -55.68 10.85 -46.61
N CYS E 134 -54.38 10.71 -46.40
CA CYS E 134 -53.48 10.18 -47.40
C CYS E 134 -52.81 8.91 -46.84
N LEU E 135 -52.81 7.85 -47.64
CA LEU E 135 -52.33 6.55 -47.22
C LEU E 135 -51.14 6.19 -48.05
N LEU E 136 -50.04 5.85 -47.39
CA LEU E 136 -48.86 5.25 -48.08
C LEU E 136 -48.79 3.83 -47.64
N ASN E 137 -48.92 2.90 -48.57
CA ASN E 137 -49.01 1.51 -48.22
C ASN E 137 -47.81 0.69 -48.60
N ASN E 138 -47.33 -0.12 -47.66
CA ASN E 138 -46.36 -1.19 -47.93
C ASN E 138 -45.08 -0.76 -48.63
N PHE E 139 -44.37 0.17 -47.99
CA PHE E 139 -43.18 0.75 -48.57
C PHE E 139 -41.93 0.46 -47.71
N TYR E 140 -40.79 0.48 -48.36
CA TYR E 140 -39.49 0.41 -47.70
C TYR E 140 -38.43 1.15 -48.56
N PRO E 141 -37.56 1.96 -47.97
CA PRO E 141 -37.41 2.16 -46.54
C PRO E 141 -38.40 3.13 -45.91
N ARG E 142 -38.28 3.29 -44.61
CA ARG E 142 -39.16 4.08 -43.77
C ARG E 142 -39.23 5.59 -44.08
N GLU E 143 -38.12 6.18 -44.54
CA GLU E 143 -38.08 7.60 -44.84
C GLU E 143 -38.98 7.91 -46.03
N ALA E 144 -40.04 8.66 -45.74
CA ALA E 144 -40.93 9.14 -46.77
C ALA E 144 -41.36 10.53 -46.36
N LYS E 145 -41.55 11.40 -47.35
CA LYS E 145 -41.95 12.79 -47.13
C LYS E 145 -43.32 13.00 -47.76
N VAL E 146 -44.24 13.59 -47.02
CA VAL E 146 -45.65 13.72 -47.42
C VAL E 146 -46.10 15.17 -47.23
N GLN E 147 -46.36 15.85 -48.34
CA GLN E 147 -46.75 17.25 -48.31
C GLN E 147 -48.17 17.36 -48.77
N TRP E 148 -48.95 18.14 -48.05
CA TRP E 148 -50.31 18.44 -48.45
C TRP E 148 -50.39 19.73 -49.26
N LYS E 149 -51.18 19.75 -50.32
CA LYS E 149 -51.35 20.97 -51.12
C LYS E 149 -52.82 21.27 -51.34
N VAL E 150 -53.25 22.47 -50.98
CA VAL E 150 -54.60 22.94 -51.20
C VAL E 150 -54.51 24.04 -52.26
N ASP E 151 -55.05 23.77 -53.45
CA ASP E 151 -55.00 24.68 -54.59
C ASP E 151 -53.57 25.09 -54.79
N ASN E 152 -52.73 24.06 -54.86
CA ASN E 152 -51.30 24.21 -55.02
C ASN E 152 -50.50 24.86 -53.86
N ALA E 153 -51.19 25.28 -52.81
CA ALA E 153 -50.53 25.90 -51.66
C ALA E 153 -50.11 24.86 -50.61
N LEU E 154 -48.79 24.71 -50.44
CA LEU E 154 -48.26 23.78 -49.46
C LEU E 154 -48.77 24.11 -48.05
N GLN E 155 -49.32 23.12 -47.38
CA GLN E 155 -49.84 23.25 -46.03
C GLN E 155 -48.80 23.07 -44.92
N SER E 156 -49.15 23.53 -43.71
CA SER E 156 -48.20 23.47 -42.60
C SER E 156 -48.91 23.62 -41.26
N GLY E 157 -48.59 22.72 -40.34
CA GLY E 157 -49.15 22.74 -38.99
C GLY E 157 -50.56 22.19 -38.82
N ASN E 158 -51.16 21.65 -39.89
CA ASN E 158 -52.59 21.18 -39.84
C ASN E 158 -52.75 19.68 -40.22
N SER E 159 -51.67 18.92 -40.12
CA SER E 159 -51.68 17.52 -40.45
C SER E 159 -50.88 16.70 -39.44
N GLN E 160 -51.31 15.47 -39.16
CA GLN E 160 -50.55 14.54 -38.32
C GLN E 160 -50.36 13.21 -39.04
N GLU E 161 -49.20 12.62 -38.83
CA GLU E 161 -48.86 11.30 -39.38
C GLU E 161 -48.83 10.25 -38.28
N SER E 162 -49.02 9.01 -38.70
CA SER E 162 -48.94 7.86 -37.87
C SER E 162 -48.31 6.73 -38.73
N VAL E 163 -47.41 5.93 -38.18
CA VAL E 163 -46.73 4.89 -38.93
C VAL E 163 -46.88 3.52 -38.29
N THR E 164 -47.13 2.50 -39.09
CA THR E 164 -47.13 1.15 -38.54
C THR E 164 -45.73 0.68 -38.17
N GLU E 165 -45.67 -0.30 -37.29
CA GLU E 165 -44.41 -0.97 -37.02
C GLU E 165 -44.11 -1.81 -38.25
N GLN E 166 -42.84 -2.14 -38.42
CA GLN E 166 -42.39 -2.97 -39.51
C GLN E 166 -43.18 -4.25 -39.59
N ASP E 167 -43.67 -4.56 -40.76
CA ASP E 167 -44.62 -5.66 -40.93
C ASP E 167 -43.89 -6.97 -40.73
N SER E 168 -44.48 -7.86 -39.93
CA SER E 168 -43.83 -9.10 -39.58
C SER E 168 -43.65 -10.08 -40.77
N LYS E 169 -44.47 -9.94 -41.81
CA LYS E 169 -44.38 -10.79 -42.98
C LYS E 169 -43.41 -10.26 -44.05
N ASP E 170 -43.62 -9.01 -44.46
CA ASP E 170 -42.90 -8.45 -45.60
C ASP E 170 -41.93 -7.33 -45.23
N SER E 171 -41.85 -6.95 -43.96
CA SER E 171 -40.89 -5.97 -43.50
C SER E 171 -41.10 -4.57 -44.03
N THR E 172 -42.31 -4.27 -44.48
CA THR E 172 -42.64 -2.94 -44.99
C THR E 172 -43.25 -2.09 -43.89
N TYR E 173 -43.46 -0.82 -44.22
CA TYR E 173 -44.11 0.13 -43.35
C TYR E 173 -45.30 0.64 -44.11
N SER E 174 -46.29 1.08 -43.36
CA SER E 174 -47.39 1.83 -43.92
C SER E 174 -47.59 3.12 -43.10
N LEU E 175 -48.15 4.13 -43.76
CA LEU E 175 -48.27 5.48 -43.19
C LEU E 175 -49.58 6.15 -43.58
N SER E 176 -50.25 6.74 -42.61
CA SER E 176 -51.41 7.58 -42.88
C SER E 176 -51.09 8.99 -42.44
N SER E 177 -51.50 9.97 -43.24
CA SER E 177 -51.36 11.39 -42.89
C SER E 177 -52.74 11.97 -42.99
N THR E 178 -53.08 12.81 -42.02
CA THR E 178 -54.43 13.37 -41.90
C THR E 178 -54.45 14.92 -41.79
N LEU E 179 -54.94 15.55 -42.84
CA LEU E 179 -55.08 16.99 -42.90
C LEU E 179 -56.42 17.35 -42.32
N THR E 180 -56.42 18.33 -41.42
CA THR E 180 -57.65 18.69 -40.74
C THR E 180 -57.96 20.18 -40.97
N LEU E 181 -59.19 20.44 -41.41
CA LEU E 181 -59.70 21.77 -41.68
C LEU E 181 -61.10 21.86 -41.15
N SER E 182 -61.53 23.08 -40.85
CA SER E 182 -62.95 23.36 -40.68
C SER E 182 -63.74 23.10 -41.98
N LYS E 183 -65.02 22.77 -41.85
CA LYS E 183 -65.90 22.71 -43.00
C LYS E 183 -65.78 23.99 -43.85
N ALA E 184 -65.93 25.14 -43.21
CA ALA E 184 -65.91 26.42 -43.89
C ALA E 184 -64.66 26.59 -44.73
N ASP E 185 -63.50 26.29 -44.15
CA ASP E 185 -62.27 26.38 -44.94
C ASP E 185 -62.17 25.30 -46.04
N TYR E 186 -62.60 24.08 -45.74
CA TYR E 186 -62.59 23.01 -46.72
C TYR E 186 -63.30 23.47 -48.01
N GLU E 187 -64.42 24.16 -47.81
CA GLU E 187 -65.28 24.62 -48.89
C GLU E 187 -64.76 25.81 -49.67
N LYS E 188 -63.75 26.49 -49.17
CA LYS E 188 -63.18 27.60 -49.92
C LYS E 188 -62.11 27.15 -50.93
N HIS E 189 -61.99 25.85 -51.20
CA HIS E 189 -60.93 25.39 -52.12
C HIS E 189 -61.36 24.20 -52.96
N LYS E 190 -60.63 23.96 -54.05
CA LYS E 190 -61.03 22.91 -55.00
C LYS E 190 -60.09 21.67 -54.94
N VAL E 191 -58.79 21.89 -55.12
CA VAL E 191 -57.88 20.79 -55.33
C VAL E 191 -57.15 20.41 -54.02
N TYR E 192 -57.44 19.20 -53.56
CA TYR E 192 -56.76 18.64 -52.42
C TYR E 192 -55.73 17.61 -52.92
N ALA E 193 -54.44 17.90 -52.68
CA ALA E 193 -53.40 17.02 -53.15
C ALA E 193 -52.46 16.53 -52.05
N CYS E 194 -52.02 15.29 -52.23
CA CYS E 194 -51.10 14.62 -51.34
C CYS E 194 -49.89 14.34 -52.22
N GLU E 195 -48.76 14.94 -51.91
CA GLU E 195 -47.53 14.66 -52.64
C GLU E 195 -46.60 13.83 -51.80
N VAL E 196 -46.12 12.74 -52.34
CA VAL E 196 -45.32 11.78 -51.59
C VAL E 196 -43.99 11.59 -52.27
N THR E 197 -42.94 11.72 -51.46
CA THR E 197 -41.58 11.56 -51.93
C THR E 197 -40.93 10.39 -51.21
N HIS E 198 -40.32 9.47 -51.98
CA HIS E 198 -39.77 8.24 -51.45
C HIS E 198 -38.79 7.61 -52.45
N GLN E 199 -37.73 6.97 -51.95
CA GLN E 199 -36.65 6.49 -52.83
C GLN E 199 -37.06 5.53 -53.92
N GLY E 200 -38.21 4.89 -53.74
CA GLY E 200 -38.67 3.88 -54.68
C GLY E 200 -39.38 4.48 -55.89
N LEU E 201 -39.64 5.78 -55.83
CA LEU E 201 -40.30 6.54 -56.89
C LEU E 201 -39.26 7.35 -57.66
N SER E 202 -39.21 7.14 -58.98
CA SER E 202 -38.25 7.88 -59.81
C SER E 202 -38.46 9.37 -59.59
N SER E 203 -39.72 9.77 -59.35
CA SER E 203 -40.03 11.14 -58.92
C SER E 203 -41.34 11.23 -58.11
N PRO E 204 -41.52 12.30 -57.31
CA PRO E 204 -42.70 12.49 -56.46
C PRO E 204 -44.03 12.09 -57.08
N VAL E 205 -44.87 11.41 -56.31
CA VAL E 205 -46.20 11.03 -56.79
C VAL E 205 -47.20 11.85 -56.06
N THR E 206 -48.17 12.36 -56.80
CA THR E 206 -49.22 13.19 -56.27
C THR E 206 -50.53 12.47 -56.55
N LYS E 207 -51.36 12.34 -55.52
CA LYS E 207 -52.73 11.87 -55.67
C LYS E 207 -53.60 13.02 -55.21
N SER E 208 -54.67 13.27 -55.95
CA SER E 208 -55.51 14.40 -55.66
C SER E 208 -56.93 14.17 -56.04
N PHE E 209 -57.78 15.06 -55.58
CA PHE E 209 -59.17 15.11 -56.04
C PHE E 209 -59.66 16.57 -56.06
N ASN E 210 -60.78 16.81 -56.75
CA ASN E 210 -61.46 18.08 -56.72
C ASN E 210 -62.69 17.99 -55.87
N ARG E 211 -62.83 18.88 -54.88
CA ARG E 211 -63.95 18.85 -53.92
C ARG E 211 -65.30 18.81 -54.62
N GLY E 212 -65.30 19.07 -55.91
CA GLY E 212 -66.51 18.99 -56.72
C GLY E 212 -67.10 17.60 -56.96
N GLU E 213 -66.27 16.69 -57.48
CA GLU E 213 -66.72 15.38 -57.93
C GLU E 213 -66.29 14.22 -57.05
N ASP F 1 28.99 -21.09 13.53
CA ASP F 1 29.42 -19.93 14.36
C ASP F 1 30.21 -18.94 13.51
N ILE F 2 29.51 -17.94 12.97
CA ILE F 2 30.03 -17.09 11.87
C ILE F 2 31.35 -16.36 12.10
N GLN F 3 32.20 -16.37 11.09
CA GLN F 3 33.52 -15.77 11.17
C GLN F 3 33.61 -14.53 10.31
N MET F 4 34.21 -13.50 10.89
CA MET F 4 34.42 -12.23 10.20
C MET F 4 35.93 -12.15 10.08
N THR F 5 36.45 -12.25 8.87
CA THR F 5 37.89 -12.20 8.63
C THR F 5 38.26 -10.82 8.13
N GLN F 6 38.98 -10.11 8.99
CA GLN F 6 39.27 -8.70 8.82
C GLN F 6 40.69 -8.60 8.31
N SER F 7 40.93 -7.74 7.33
CA SER F 7 42.29 -7.53 6.83
C SER F 7 42.48 -6.10 6.29
N PRO F 8 43.73 -5.59 6.38
CA PRO F 8 44.88 -6.28 7.02
C PRO F 8 44.91 -6.11 8.53
N SER F 9 45.79 -6.86 9.19
CA SER F 9 45.95 -6.74 10.62
C SER F 9 46.46 -5.38 11.03
N SER F 10 47.38 -4.89 10.21
CA SER F 10 48.12 -3.68 10.48
C SER F 10 48.28 -2.96 9.18
N LEU F 11 48.37 -1.66 9.26
CA LEU F 11 48.40 -0.84 8.10
C LEU F 11 49.15 0.45 8.42
N SER F 12 50.08 0.86 7.55
CA SER F 12 50.82 2.11 7.71
C SER F 12 50.31 3.16 6.75
N ALA F 13 50.10 4.39 7.22
CA ALA F 13 49.55 5.42 6.37
C ALA F 13 50.01 6.81 6.79
N SER F 14 49.69 7.80 5.96
CA SER F 14 50.02 9.18 6.21
C SER F 14 48.77 10.01 6.19
N VAL F 15 48.82 11.14 6.90
CA VAL F 15 47.72 12.06 6.90
C VAL F 15 47.49 12.45 5.48
N GLY F 16 46.23 12.37 5.03
CA GLY F 16 45.84 12.68 3.65
C GLY F 16 45.55 11.46 2.81
N ASP F 17 46.09 10.31 3.19
CA ASP F 17 45.88 9.07 2.45
C ASP F 17 44.42 8.61 2.40
N ARG F 18 44.11 7.87 1.35
CA ARG F 18 42.86 7.08 1.31
C ARG F 18 43.14 5.78 1.96
N VAL F 19 42.30 5.35 2.89
CA VAL F 19 42.55 4.09 3.56
C VAL F 19 41.31 3.25 3.50
N THR F 20 41.52 1.95 3.36
CA THR F 20 40.41 1.02 3.19
C THR F 20 40.69 -0.29 3.90
N ILE F 21 39.71 -0.74 4.69
CA ILE F 21 39.88 -1.91 5.55
C ILE F 21 38.77 -2.86 5.17
N THR F 22 39.06 -4.15 5.14
CA THR F 22 38.04 -5.12 4.70
C THR F 22 37.69 -6.20 5.72
N CYS F 23 36.50 -6.75 5.57
CA CYS F 23 36.02 -7.77 6.48
C CYS F 23 35.23 -8.76 5.64
N ARG F 24 35.62 -10.03 5.67
CA ARG F 24 34.95 -11.06 4.89
C ARG F 24 34.14 -11.94 5.80
N ALA F 25 32.85 -12.06 5.53
CA ALA F 25 31.98 -12.93 6.33
C ALA F 25 32.01 -14.35 5.74
N SER F 26 32.07 -15.34 6.62
CA SER F 26 32.22 -16.73 6.20
C SER F 26 30.96 -17.28 5.55
N GLN F 27 29.83 -16.57 5.71
CA GLN F 27 28.64 -16.78 4.87
C GLN F 27 27.77 -15.55 4.92
N SER F 28 26.81 -15.44 4.03
CA SER F 28 25.98 -14.23 3.97
C SER F 28 25.52 -13.83 5.34
N VAL F 29 25.61 -12.54 5.60
CA VAL F 29 25.20 -11.99 6.87
C VAL F 29 24.27 -10.82 6.62
N SER F 30 23.85 -10.76 5.37
CA SER F 30 23.00 -9.72 4.90
C SER F 30 23.67 -8.33 5.07
N SER F 31 22.94 -7.30 5.53
CA SER F 31 23.53 -5.98 5.72
C SER F 31 23.89 -5.64 7.21
N ALA F 32 23.86 -6.64 8.09
CA ALA F 32 23.92 -6.44 9.52
C ALA F 32 25.37 -6.44 10.06
N VAL F 33 26.14 -5.45 9.60
CA VAL F 33 27.56 -5.34 9.89
C VAL F 33 27.79 -3.96 10.41
N ALA F 34 28.59 -3.83 11.47
CA ALA F 34 28.95 -2.53 12.00
C ALA F 34 30.44 -2.36 12.10
N TRP F 35 30.90 -1.10 12.14
CA TRP F 35 32.31 -0.79 12.35
C TRP F 35 32.52 0.14 13.55
N TYR F 36 33.55 -0.21 14.33
CA TYR F 36 33.94 0.53 15.50
C TYR F 36 35.42 0.94 15.47
N GLN F 37 35.72 2.05 16.12
CA GLN F 37 37.08 2.56 16.26
C GLN F 37 37.38 2.43 17.73
N GLN F 38 38.61 2.05 18.06
CA GLN F 38 39.08 2.00 19.43
C GLN F 38 40.51 2.55 19.53
N LYS F 39 40.70 3.55 20.39
CA LYS F 39 42.01 4.08 20.76
C LYS F 39 42.53 3.46 22.07
N PRO F 40 43.85 3.48 22.29
CA PRO F 40 44.43 2.79 23.47
C PRO F 40 43.80 3.17 24.79
N GLY F 41 43.44 2.19 25.60
CA GLY F 41 42.80 2.47 26.90
C GLY F 41 41.41 3.09 26.86
N LYS F 42 40.76 3.09 25.70
CA LYS F 42 39.43 3.70 25.55
C LYS F 42 38.43 2.66 25.12
N ALA F 43 37.15 3.00 25.27
CA ALA F 43 36.07 2.11 24.81
C ALA F 43 35.89 2.20 23.30
N PRO F 44 35.44 1.10 22.66
CA PRO F 44 35.07 1.23 21.26
C PRO F 44 33.97 2.26 21.01
N LYS F 45 34.09 2.96 19.89
CA LYS F 45 33.18 4.01 19.55
C LYS F 45 32.62 3.61 18.18
N LEU F 46 31.31 3.69 18.03
CA LEU F 46 30.65 3.32 16.78
C LEU F 46 30.84 4.30 15.63
N LEU F 47 31.15 3.74 14.45
CA LEU F 47 31.39 4.53 13.22
C LEU F 47 30.31 4.37 12.20
N ILE F 48 30.04 3.09 11.89
CA ILE F 48 29.16 2.71 10.83
C ILE F 48 28.30 1.55 11.26
N TYR F 49 27.02 1.61 10.84
CA TYR F 49 26.07 0.55 11.15
C TYR F 49 25.23 0.16 9.98
N SER F 50 24.77 -1.10 9.99
CA SER F 50 23.97 -1.64 8.89
C SER F 50 24.76 -1.46 7.58
N ALA F 51 26.02 -1.89 7.60
CA ALA F 51 26.86 -1.89 6.42
C ALA F 51 27.36 -0.51 5.97
N SER F 52 26.45 0.44 5.83
CA SER F 52 26.83 1.72 5.23
C SER F 52 26.15 2.98 5.77
N SER F 53 25.49 2.91 6.92
CA SER F 53 24.91 4.10 7.52
C SER F 53 25.91 4.74 8.48
N LEU F 54 26.00 6.06 8.41
CA LEU F 54 27.01 6.76 9.18
C LEU F 54 26.44 7.20 10.53
N TYR F 55 27.07 6.76 11.61
CA TYR F 55 26.63 7.10 12.95
C TYR F 55 26.70 8.64 13.17
N SER F 56 25.60 9.16 13.72
CA SER F 56 25.46 10.53 14.13
C SER F 56 26.74 11.09 14.76
N GLY F 57 27.23 12.19 14.19
CA GLY F 57 28.46 12.83 14.64
C GLY F 57 29.76 12.34 14.04
N VAL F 58 29.76 11.26 13.28
CA VAL F 58 30.99 10.73 12.76
C VAL F 58 31.24 11.47 11.45
N PRO F 59 32.47 12.01 11.28
CA PRO F 59 32.86 12.77 10.10
C PRO F 59 32.58 12.04 8.79
N SER F 60 32.13 12.78 7.77
CA SER F 60 31.78 12.21 6.47
C SER F 60 32.91 11.48 5.72
N ARG F 61 34.17 11.68 6.10
CA ARG F 61 35.27 10.96 5.47
C ARG F 61 35.22 9.45 5.73
N PHE F 62 34.50 9.05 6.79
CA PHE F 62 34.22 7.63 7.05
C PHE F 62 32.99 7.21 6.23
N SER F 63 33.07 6.05 5.57
CA SER F 63 31.95 5.44 4.84
C SER F 63 32.09 3.94 4.82
N GLY F 64 30.99 3.27 4.58
CA GLY F 64 30.99 1.80 4.49
C GLY F 64 30.30 1.28 3.25
N SER F 65 30.67 0.08 2.85
CA SER F 65 29.99 -0.53 1.70
C SER F 65 30.01 -2.03 1.79
N ARG F 66 29.13 -2.61 0.99
CA ARG F 66 28.99 -4.04 0.94
C ARG F 66 28.93 -4.61 -0.50
N SER F 67 29.56 -5.76 -0.68
CA SER F 67 29.28 -6.64 -1.81
C SER F 67 29.22 -8.07 -1.36
N GLY F 68 28.02 -8.62 -1.35
CA GLY F 68 27.85 -9.98 -0.90
C GLY F 68 28.24 -10.15 0.53
N THR F 69 29.32 -10.90 0.73
CA THR F 69 29.84 -11.19 2.07
C THR F 69 31.12 -10.36 2.40
N ASP F 70 31.40 -9.36 1.57
CA ASP F 70 32.61 -8.58 1.69
C ASP F 70 32.24 -7.16 2.11
N PHE F 71 32.77 -6.75 3.25
CA PHE F 71 32.48 -5.41 3.77
C PHE F 71 33.71 -4.53 3.89
N THR F 72 33.53 -3.27 3.54
CA THR F 72 34.62 -2.34 3.48
C THR F 72 34.32 -1.06 4.23
N LEU F 73 35.28 -0.67 5.05
CA LEU F 73 35.30 0.65 5.65
C LEU F 73 36.38 1.44 4.97
N THR F 74 36.06 2.65 4.57
CA THR F 74 36.97 3.49 3.81
C THR F 74 37.04 4.86 4.49
N ILE F 75 38.26 5.33 4.65
CA ILE F 75 38.52 6.64 5.18
C ILE F 75 39.13 7.42 4.03
N SER F 76 38.39 8.39 3.53
CA SER F 76 38.75 8.97 2.27
C SER F 76 40.02 9.82 2.40
N SER F 77 40.14 10.56 3.49
CA SER F 77 41.32 11.39 3.74
C SER F 77 41.76 11.36 5.23
N LEU F 78 42.71 10.49 5.53
CA LEU F 78 43.06 10.16 6.88
C LEU F 78 43.55 11.37 7.71
N GLN F 79 42.95 11.55 8.87
CA GLN F 79 43.32 12.64 9.76
C GLN F 79 44.13 12.11 10.96
N PRO F 80 44.93 12.98 11.60
CA PRO F 80 45.77 12.50 12.72
C PRO F 80 44.98 11.78 13.84
N GLU F 81 43.75 12.19 14.10
CA GLU F 81 42.91 11.48 15.07
C GLU F 81 42.43 10.10 14.65
N ASP F 82 42.67 9.68 13.40
CA ASP F 82 42.17 8.41 12.88
C ASP F 82 43.13 7.27 13.06
N PHE F 83 44.32 7.54 13.57
CA PHE F 83 45.25 6.44 13.86
C PHE F 83 44.76 5.74 15.09
N ALA F 84 44.37 4.48 14.94
CA ALA F 84 43.63 3.76 15.98
C ALA F 84 43.46 2.35 15.47
N THR F 85 42.77 1.53 16.24
CA THR F 85 42.39 0.20 15.80
C THR F 85 40.89 0.20 15.44
N TYR F 86 40.52 -0.60 14.45
CA TYR F 86 39.17 -0.66 13.91
C TYR F 86 38.65 -2.12 13.94
N TYR F 87 37.38 -2.32 14.19
CA TYR F 87 36.80 -3.64 14.29
C TYR F 87 35.48 -3.67 13.56
N CYS F 88 35.25 -4.76 12.83
CA CYS F 88 33.94 -5.05 12.27
C CYS F 88 33.23 -5.99 13.24
N GLN F 89 31.92 -6.08 13.04
CA GLN F 89 31.02 -6.92 13.81
C GLN F 89 29.85 -7.36 12.94
N GLN F 90 29.39 -8.60 13.07
CA GLN F 90 28.09 -8.97 12.49
C GLN F 90 27.12 -9.31 13.59
N SER F 91 25.87 -8.90 13.40
CA SER F 91 24.80 -9.25 14.35
C SER F 91 23.58 -9.76 13.59
N SER F 92 23.86 -10.59 12.60
CA SER F 92 22.86 -11.37 11.85
C SER F 92 22.58 -12.72 12.52
N TYR F 93 23.58 -13.32 13.15
CA TYR F 93 23.42 -14.56 13.90
C TYR F 93 24.06 -14.52 15.27
N SER F 94 23.34 -14.98 16.28
CA SER F 94 23.91 -15.18 17.62
C SER F 94 24.80 -16.40 17.53
N PRO F 95 25.95 -16.40 18.20
CA PRO F 95 26.55 -15.23 18.83
C PRO F 95 27.02 -14.19 17.81
N LEU F 96 26.98 -12.93 18.19
CA LEU F 96 27.49 -11.91 17.32
C LEU F 96 29.02 -11.93 17.46
N THR F 97 29.73 -11.68 16.37
CA THR F 97 31.15 -11.88 16.36
C THR F 97 31.84 -10.69 15.74
N PHE F 98 33.09 -10.55 16.13
CA PHE F 98 33.91 -9.44 15.71
C PHE F 98 35.05 -9.91 14.82
N GLY F 99 35.45 -9.08 13.87
CA GLY F 99 36.76 -9.29 13.28
C GLY F 99 37.89 -9.17 14.27
N GLN F 100 39.08 -9.57 13.90
CA GLN F 100 40.18 -9.59 14.85
C GLN F 100 40.92 -8.22 14.96
N GLY F 101 40.52 -7.24 14.18
CA GLY F 101 41.10 -5.90 14.28
C GLY F 101 42.10 -5.45 13.21
N THR F 102 42.18 -4.14 13.03
CA THR F 102 43.13 -3.56 12.13
C THR F 102 43.72 -2.34 12.81
N LYS F 103 45.02 -2.37 13.13
CA LYS F 103 45.74 -1.21 13.67
C LYS F 103 46.20 -0.31 12.52
N VAL F 104 45.78 0.95 12.54
CA VAL F 104 46.25 1.96 11.59
C VAL F 104 47.33 2.84 12.27
N GLU F 105 48.57 2.73 11.80
CA GLU F 105 49.73 3.38 12.43
C GLU F 105 50.38 4.38 11.44
N ILE F 106 51.29 5.20 11.92
CA ILE F 106 51.79 6.33 11.14
C ILE F 106 53.05 5.96 10.32
N LYS F 107 53.01 6.22 9.01
CA LYS F 107 54.22 6.04 8.17
C LYS F 107 55.27 7.12 8.46
N ARG F 108 56.53 6.76 8.32
CA ARG F 108 57.62 7.73 8.31
C ARG F 108 58.81 7.03 7.68
N THR F 109 59.91 7.73 7.51
CA THR F 109 61.11 7.11 6.95
C THR F 109 61.72 6.05 7.86
N VAL F 110 62.45 5.15 7.22
CA VAL F 110 63.14 4.10 7.96
C VAL F 110 64.10 4.69 8.99
N ALA F 111 64.17 4.04 10.14
CA ALA F 111 65.14 4.41 11.16
C ALA F 111 65.62 3.14 11.88
N ALA F 112 66.92 2.93 11.89
CA ALA F 112 67.49 1.74 12.47
C ALA F 112 67.50 1.89 13.98
N PRO F 113 67.36 0.78 14.69
CA PRO F 113 67.49 0.90 16.13
C PRO F 113 68.91 1.22 16.53
N SER F 114 69.06 1.89 17.67
CA SER F 114 70.26 1.77 18.44
C SER F 114 70.08 0.59 19.40
N VAL F 115 71.13 -0.15 19.63
CA VAL F 115 71.04 -1.37 20.39
C VAL F 115 72.03 -1.39 21.57
N PHE F 116 71.53 -1.79 22.75
CA PHE F 116 72.33 -1.90 23.96
C PHE F 116 71.99 -3.21 24.64
N ILE F 117 72.98 -3.78 25.32
CA ILE F 117 72.76 -5.01 26.08
C ILE F 117 73.18 -4.69 27.50
N PHE F 118 72.44 -5.17 28.49
CA PHE F 118 72.77 -4.93 29.91
C PHE F 118 72.89 -6.28 30.61
N PRO F 119 74.01 -6.55 31.28
CA PRO F 119 74.06 -7.78 32.04
C PRO F 119 73.22 -7.65 33.26
N PRO F 120 73.01 -8.76 33.97
CA PRO F 120 72.28 -8.72 35.21
C PRO F 120 73.07 -8.07 36.30
N SER F 121 72.42 -7.26 37.12
CA SER F 121 73.05 -6.66 38.29
C SER F 121 73.48 -7.71 39.29
N ASP F 122 74.47 -7.36 40.11
CA ASP F 122 74.89 -8.29 41.14
C ASP F 122 73.84 -8.46 42.21
N GLU F 123 73.10 -7.41 42.55
CA GLU F 123 72.06 -7.60 43.58
C GLU F 123 71.04 -8.68 43.13
N GLN F 124 70.71 -8.70 41.84
CA GLN F 124 69.79 -9.71 41.33
C GLN F 124 70.37 -11.16 41.38
N LEU F 125 71.65 -11.30 40.98
CA LEU F 125 72.37 -12.59 41.05
C LEU F 125 72.33 -13.24 42.44
N LYS F 126 72.62 -12.48 43.48
CA LYS F 126 72.38 -12.94 44.86
C LYS F 126 71.04 -13.63 45.04
N SER F 127 69.98 -13.06 44.46
CA SER F 127 68.63 -13.61 44.59
C SER F 127 68.41 -14.97 43.85
N GLY F 128 69.31 -15.36 42.97
CA GLY F 128 69.19 -16.66 42.31
C GLY F 128 68.83 -16.61 40.84
N THR F 129 68.39 -15.45 40.38
CA THR F 129 67.97 -15.32 38.99
C THR F 129 68.82 -14.27 38.30
N ALA F 130 68.98 -14.42 36.99
CA ALA F 130 69.69 -13.44 36.18
C ALA F 130 68.81 -12.97 35.02
N SER F 131 68.56 -11.67 34.94
CA SER F 131 67.86 -11.09 33.78
C SER F 131 68.85 -10.36 32.90
N VAL F 132 68.87 -10.69 31.63
CA VAL F 132 69.75 -10.04 30.67
C VAL F 132 68.81 -9.29 29.76
N VAL F 133 69.11 -8.04 29.49
CA VAL F 133 68.20 -7.18 28.76
C VAL F 133 68.84 -6.64 27.50
N CYS F 134 68.07 -6.64 26.43
CA CYS F 134 68.49 -6.06 25.18
C CYS F 134 67.51 -4.97 24.80
N LEU F 135 68.03 -3.79 24.46
CA LEU F 135 67.22 -2.62 24.15
C LEU F 135 67.39 -2.19 22.71
N LEU F 136 66.29 -2.08 21.99
CA LEU F 136 66.30 -1.51 20.63
C LEU F 136 65.61 -0.19 20.70
N ASN F 137 66.33 0.90 20.41
CA ASN F 137 65.82 2.24 20.67
C ASN F 137 65.50 3.03 19.43
N ASN F 138 64.30 3.60 19.40
CA ASN F 138 63.89 4.59 18.39
C ASN F 138 64.04 4.14 16.92
N PHE F 139 63.36 3.05 16.58
CA PHE F 139 63.41 2.47 15.25
C PHE F 139 62.06 2.50 14.51
N TYR F 140 62.13 2.50 13.18
CA TYR F 140 60.98 2.37 12.31
C TYR F 140 61.44 1.65 11.02
N PRO F 141 60.70 0.66 10.52
CA PRO F 141 59.36 0.30 11.01
C PRO F 141 59.42 -0.64 12.19
N ARG F 142 58.25 -1.08 12.63
CA ARG F 142 58.10 -1.94 13.79
C ARG F 142 58.71 -3.34 13.71
N GLU F 143 58.68 -3.95 12.54
CA GLU F 143 59.17 -5.34 12.41
C GLU F 143 60.67 -5.36 12.64
N ALA F 144 61.05 -6.04 13.72
CA ALA F 144 62.43 -6.26 14.06
C ALA F 144 62.49 -7.64 14.66
N LYS F 145 63.62 -8.33 14.46
CA LYS F 145 63.82 -9.68 14.95
C LYS F 145 65.04 -9.69 15.88
N VAL F 146 64.87 -10.29 17.05
CA VAL F 146 65.86 -10.24 18.11
C VAL F 146 66.15 -11.66 18.57
N GLN F 147 67.36 -12.13 18.33
CA GLN F 147 67.77 -13.48 18.72
C GLN F 147 68.83 -13.47 19.77
N TRP F 148 68.64 -14.27 20.81
CA TRP F 148 69.60 -14.35 21.92
C TRP F 148 70.58 -15.49 21.67
N LYS F 149 71.85 -15.26 21.92
CA LYS F 149 72.84 -16.31 21.73
C LYS F 149 73.71 -16.43 22.97
N VAL F 150 73.75 -17.64 23.52
CA VAL F 150 74.60 -17.94 24.66
C VAL F 150 75.71 -18.87 24.16
N ASP F 151 76.94 -18.37 24.15
CA ASP F 151 78.10 -19.10 23.60
C ASP F 151 77.76 -19.61 22.22
N ASN F 152 77.27 -18.70 21.40
CA ASN F 152 76.82 -19.01 20.03
C ASN F 152 75.57 -19.90 19.89
N ALA F 153 75.00 -20.42 20.98
CA ALA F 153 73.77 -21.22 20.89
C ALA F 153 72.49 -20.38 20.92
N LEU F 154 71.76 -20.36 19.80
CA LEU F 154 70.49 -19.63 19.68
C LEU F 154 69.52 -20.11 20.75
N GLN F 155 68.97 -19.17 21.52
CA GLN F 155 68.04 -19.50 22.59
C GLN F 155 66.59 -19.60 22.10
N SER F 156 65.76 -20.20 22.93
CA SER F 156 64.35 -20.38 22.59
C SER F 156 63.53 -20.65 23.85
N GLY F 157 62.41 -19.93 23.96
CA GLY F 157 61.45 -20.11 25.07
C GLY F 157 61.85 -19.50 26.41
N ASN F 158 62.95 -18.76 26.46
CA ASN F 158 63.41 -18.19 27.74
C ASN F 158 63.56 -16.65 27.67
N SER F 159 62.87 -16.01 26.72
CA SER F 159 62.93 -14.59 26.55
C SER F 159 61.53 -13.98 26.23
N GLN F 160 61.24 -12.78 26.75
CA GLN F 160 60.00 -12.06 26.42
C GLN F 160 60.34 -10.69 25.93
N GLU F 161 59.55 -10.23 24.97
CA GLU F 161 59.65 -8.88 24.43
C GLU F 161 58.47 -8.03 24.87
N SER F 162 58.69 -6.73 24.83
CA SER F 162 57.68 -5.73 25.08
C SER F 162 57.98 -4.60 24.07
N VAL F 163 56.95 -4.02 23.48
CA VAL F 163 57.13 -2.92 22.55
C VAL F 163 56.36 -1.64 22.97
N THR F 164 57.00 -0.47 22.86
CA THR F 164 56.29 0.76 23.10
C THR F 164 55.25 1.03 22.02
N GLU F 165 54.27 1.85 22.37
CA GLU F 165 53.40 2.42 21.38
C GLU F 165 54.25 3.41 20.57
N GLN F 166 53.78 3.70 19.39
CA GLN F 166 54.42 4.65 18.51
C GLN F 166 54.68 5.98 19.24
N ASP F 167 55.89 6.50 19.14
CA ASP F 167 56.32 7.69 19.87
C ASP F 167 55.59 8.89 19.34
N SER F 168 55.06 9.70 20.25
CA SER F 168 54.16 10.78 19.85
C SER F 168 54.86 11.92 19.16
N LYS F 169 56.19 12.03 19.33
CA LYS F 169 57.00 13.08 18.68
C LYS F 169 57.55 12.66 17.37
N ASP F 170 58.21 11.52 17.32
CA ASP F 170 58.93 11.11 16.11
C ASP F 170 58.40 9.83 15.44
N SER F 171 57.32 9.26 15.99
CA SER F 171 56.67 8.07 15.37
C SER F 171 57.48 6.75 15.35
N THR F 172 58.51 6.67 16.20
CA THR F 172 59.35 5.48 16.28
C THR F 172 58.77 4.52 17.30
N TYR F 173 59.39 3.37 17.38
CA TYR F 173 59.10 2.35 18.37
C TYR F 173 60.39 2.05 19.10
N SER F 174 60.26 1.57 20.32
CA SER F 174 61.36 1.03 21.06
C SER F 174 60.95 -0.33 21.63
N LEU F 175 61.95 -1.18 21.85
CA LEU F 175 61.72 -2.56 22.19
C LEU F 175 62.73 -3.06 23.22
N SER F 176 62.25 -3.73 24.25
CA SER F 176 63.13 -4.44 25.17
C SER F 176 62.86 -5.94 25.06
N SER F 177 63.93 -6.73 25.12
CA SER F 177 63.82 -8.17 25.18
C SER F 177 64.62 -8.62 26.37
N THR F 178 64.06 -9.57 27.11
CA THR F 178 64.60 -9.98 28.40
C THR F 178 64.79 -11.50 28.46
N LEU F 179 66.04 -11.93 28.46
CA LEU F 179 66.41 -13.33 28.57
C LEU F 179 66.51 -13.70 30.04
N THR F 180 65.87 -14.79 30.43
CA THR F 180 65.80 -15.12 31.84
C THR F 180 66.38 -16.52 32.08
N LEU F 181 67.32 -16.59 33.02
CA LEU F 181 68.03 -17.80 33.36
C LEU F 181 68.18 -17.86 34.85
N SER F 182 68.32 -19.07 35.37
CA SER F 182 68.79 -19.25 36.75
C SER F 182 70.21 -18.71 36.90
N LYS F 183 70.57 -18.30 38.11
CA LYS F 183 71.96 -17.99 38.42
C LYS F 183 72.91 -19.13 37.99
N ALA F 184 72.60 -20.36 38.41
CA ALA F 184 73.42 -21.53 38.08
C ALA F 184 73.69 -21.64 36.59
N ASP F 185 72.63 -21.53 35.78
CA ASP F 185 72.79 -21.61 34.34
C ASP F 185 73.53 -20.40 33.76
N TYR F 186 73.24 -19.22 34.28
CA TYR F 186 73.94 -18.00 33.83
C TYR F 186 75.45 -18.19 33.95
N GLU F 187 75.86 -18.82 35.05
CA GLU F 187 77.26 -19.06 35.35
C GLU F 187 77.92 -20.18 34.55
N LYS F 188 77.13 -20.98 33.85
CA LYS F 188 77.69 -22.02 32.98
C LYS F 188 78.23 -21.48 31.65
N HIS F 189 78.19 -20.18 31.42
CA HIS F 189 78.47 -19.66 30.08
C HIS F 189 79.18 -18.33 30.11
N LYS F 190 79.75 -17.97 28.96
CA LYS F 190 80.58 -16.78 28.90
C LYS F 190 79.99 -15.64 28.10
N VAL F 191 79.66 -15.92 26.83
CA VAL F 191 79.25 -14.88 25.87
C VAL F 191 77.74 -14.76 25.78
N TYR F 192 77.23 -13.62 26.22
CA TYR F 192 75.82 -13.32 26.09
C TYR F 192 75.66 -12.30 24.93
N ALA F 193 74.97 -12.72 23.88
CA ALA F 193 74.82 -11.87 22.72
C ALA F 193 73.33 -11.66 22.35
N CYS F 194 73.09 -10.45 21.83
CA CYS F 194 71.80 -10.02 21.35
C CYS F 194 72.02 -9.70 19.88
N GLU F 195 71.35 -10.42 18.99
CA GLU F 195 71.43 -10.17 17.55
C GLU F 195 70.13 -9.58 17.07
N VAL F 196 70.22 -8.45 16.38
CA VAL F 196 69.08 -7.70 15.99
C VAL F 196 69.07 -7.56 14.50
N THR F 197 67.93 -7.91 13.92
CA THR F 197 67.72 -7.80 12.49
C THR F 197 66.58 -6.83 12.23
N HIS F 198 66.82 -5.87 11.34
CA HIS F 198 65.90 -4.76 11.07
C HIS F 198 66.25 -4.11 9.75
N GLN F 199 65.23 -3.71 9.02
CA GLN F 199 65.38 -3.21 7.66
C GLN F 199 66.28 -1.97 7.48
N GLY F 200 66.55 -1.26 8.57
CA GLY F 200 67.41 -0.07 8.56
C GLY F 200 68.88 -0.39 8.71
N LEU F 201 69.18 -1.66 8.97
CA LEU F 201 70.54 -2.16 9.10
C LEU F 201 70.92 -2.91 7.82
N SER F 202 72.02 -2.49 7.17
CA SER F 202 72.52 -3.20 5.98
C SER F 202 72.75 -4.69 6.30
N SER F 203 73.17 -5.02 7.52
CA SER F 203 73.16 -6.41 8.00
C SER F 203 73.05 -6.49 9.55
N PRO F 204 72.61 -7.66 10.08
CA PRO F 204 72.38 -7.87 11.50
C PRO F 204 73.43 -7.26 12.42
N VAL F 205 72.98 -6.66 13.52
CA VAL F 205 73.89 -6.07 14.51
C VAL F 205 73.82 -6.91 15.78
N THR F 206 75.00 -7.17 16.35
CA THR F 206 75.10 -7.98 17.53
C THR F 206 75.77 -7.10 18.56
N LYS F 207 75.19 -7.08 19.76
CA LYS F 207 75.82 -6.48 20.94
C LYS F 207 76.01 -7.57 21.98
N SER F 208 77.16 -7.59 22.63
CA SER F 208 77.45 -8.70 23.54
C SER F 208 78.35 -8.30 24.70
N PHE F 209 78.45 -9.19 25.69
CA PHE F 209 79.41 -9.06 26.77
C PHE F 209 79.88 -10.44 27.26
N ASN F 210 80.99 -10.47 28.00
CA ASN F 210 81.48 -11.70 28.61
C ASN F 210 81.27 -11.64 30.10
N ARG F 211 80.60 -12.65 30.63
CA ARG F 211 80.11 -12.64 32.03
C ARG F 211 81.07 -12.10 33.11
#